data_5H25
#
_entry.id   5H25
#
_cell.length_a   94.747
_cell.length_b   179.379
_cell.length_c   50.396
_cell.angle_alpha   90.000
_cell.angle_beta   90.000
_cell.angle_gamma   90.000
#
_symmetry.space_group_name_H-M   'P 21 21 2'
#
loop_
_entity.id
_entity.type
_entity.pdbx_description
1 polymer 'Polycomb protein EED'
2 polymer 'Histone-lysine N-methyltransferase EZH2'
3 non-polymer 5-(2-fluorophenyl)-2,3-dihydroimidazo[2,1-a]isoquinoline
4 water water
#
loop_
_entity_poly.entity_id
_entity_poly.type
_entity_poly.pdbx_seq_one_letter_code
_entity_poly.pdbx_strand_id
1 'polypeptide(L)'
;GKKCKYSFKCVNSLKEDHNQPLFGVQFNWHSKEGDPLVFATVGSNRVTLYECHSQGEIRLLQSYVDADADENFYTCAWTY
DSNTSHPLLAVAGSRGIIRIINPITMQCIKHYVGHGNAINELKFHPRDPNLLLSVSKDHALRLWNIQTDTLVAIFGGVEG
HRDEVLSADYDLLGEKIMSCGMDHSLKLWRINSKRMMNAIKESYDYNPNKTNRPFISQKIHFPDFSTRDIHRNYVDCVRW
LGDLILSKSCENAIVCWKPGKMEDDIDKIKPSESNVTILGRFDYSQCDIWYMRFSMDFWQKMLALGNQVGKLYVWDLEVE
DPHKAKCTTLTHHKCGAAIRQTSFSRDSSILIAVCDDASIWRWDRLR
;
A,B
2 'polypeptide(L)' SMFSSNRQKILERTEILNQEWKQRRIQPV C,D
#
loop_
_chem_comp.id
_chem_comp.type
_chem_comp.name
_chem_comp.formula
LQH non-polymer 5-(2-fluorophenyl)-2,3-dihydroimidazo[2,1-a]isoquinoline 'C17 H13 F N2'
#
# COMPACT_ATOMS: atom_id res chain seq x y z
N LYS A 3 7.01 41.33 8.97
CA LYS A 3 5.96 40.39 8.59
C LYS A 3 5.97 39.07 9.38
N CYS A 4 7.10 38.73 10.09
CA CYS A 4 7.11 37.52 10.93
C CYS A 4 6.27 37.74 12.17
N LYS A 5 5.49 36.73 12.50
CA LYS A 5 4.51 36.64 13.57
C LYS A 5 5.02 35.96 14.86
N TYR A 6 5.81 34.88 14.69
CA TYR A 6 6.29 33.97 15.71
C TYR A 6 7.15 34.60 16.82
N SER A 7 6.85 34.21 18.07
CA SER A 7 7.51 34.64 19.29
C SER A 7 7.71 33.45 20.23
N PHE A 8 8.84 33.40 20.94
CA PHE A 8 9.16 32.27 21.81
C PHE A 8 9.52 32.74 23.23
N LYS A 9 9.76 31.79 24.15
CA LYS A 9 10.07 32.11 25.54
C LYS A 9 11.00 31.06 26.06
N CYS A 10 12.15 31.46 26.60
CA CYS A 10 13.02 30.42 27.13
C CYS A 10 12.51 29.96 28.48
N VAL A 11 11.93 28.77 28.50
CA VAL A 11 11.30 28.25 29.71
C VAL A 11 12.25 27.41 30.59
N ASN A 12 13.31 26.82 30.02
CA ASN A 12 14.19 25.95 30.76
C ASN A 12 15.49 25.61 30.01
N SER A 13 16.47 25.13 30.77
CA SER A 13 17.79 24.73 30.31
C SER A 13 18.46 23.80 31.31
N LEU A 14 19.19 22.81 30.79
CA LEU A 14 19.91 21.88 31.66
C LEU A 14 21.21 21.45 31.03
N LYS A 15 22.12 20.98 31.85
CA LYS A 15 23.41 20.51 31.38
C LYS A 15 23.47 19.03 31.71
N GLU A 16 24.06 18.26 30.80
CA GLU A 16 24.24 16.83 30.99
C GLU A 16 25.62 16.69 31.62
N ASP A 17 25.71 15.88 32.70
CA ASP A 17 26.93 15.73 33.49
C ASP A 17 28.14 15.14 32.73
N HIS A 18 27.99 14.79 31.45
CA HIS A 18 29.16 14.31 30.70
C HIS A 18 30.02 15.48 30.25
N ASN A 19 29.43 16.71 30.18
CA ASN A 19 30.08 17.99 29.81
C ASN A 19 30.75 17.95 28.45
N GLN A 20 30.28 17.02 27.59
CA GLN A 20 30.79 16.86 26.23
C GLN A 20 29.78 17.47 25.24
N PRO A 21 30.28 18.04 24.12
CA PRO A 21 29.35 18.63 23.14
C PRO A 21 28.17 17.74 22.70
N LEU A 22 27.01 18.39 22.54
CA LEU A 22 25.81 17.74 22.05
C LEU A 22 25.70 18.16 20.61
N PHE A 23 25.78 17.19 19.69
CA PHE A 23 25.73 17.47 18.27
C PHE A 23 24.36 17.39 17.66
N GLY A 24 23.56 16.41 18.05
CA GLY A 24 22.25 16.21 17.46
C GLY A 24 21.14 16.19 18.47
N VAL A 25 19.94 16.58 18.02
CA VAL A 25 18.68 16.68 18.75
C VAL A 25 17.55 16.41 17.78
N GLN A 26 16.64 15.54 18.19
CA GLN A 26 15.50 15.16 17.37
C GLN A 26 14.27 14.87 18.23
N PHE A 27 13.13 15.45 17.86
CA PHE A 27 11.85 15.17 18.48
C PHE A 27 11.27 13.99 17.72
N ASN A 28 10.66 13.04 18.46
CA ASN A 28 9.97 11.91 17.83
C ASN A 28 8.65 12.41 17.27
N TRP A 29 8.58 12.66 15.95
CA TRP A 29 7.38 13.10 15.25
C TRP A 29 6.48 11.91 14.82
N HIS A 30 6.73 10.70 15.35
CA HIS A 30 5.91 9.53 15.00
C HIS A 30 4.79 9.31 16.01
N SER A 31 5.00 9.74 17.27
CA SER A 31 4.02 9.67 18.35
C SER A 31 2.72 10.42 17.95
N LYS A 32 1.54 9.87 18.35
CA LYS A 32 0.24 10.48 18.00
C LYS A 32 -0.19 11.60 19.00
N GLU A 33 -1.21 12.39 18.64
CA GLU A 33 -1.71 13.52 19.45
C GLU A 33 -1.99 13.13 20.87
N GLY A 34 -1.73 14.07 21.77
CA GLY A 34 -1.92 13.90 23.20
C GLY A 34 -0.76 13.18 23.86
N ASP A 35 -0.13 12.19 23.15
CA ASP A 35 1.04 11.42 23.62
C ASP A 35 2.14 12.36 24.14
N PRO A 36 3.02 11.90 25.04
CA PRO A 36 4.10 12.82 25.51
C PRO A 36 4.98 13.33 24.35
N LEU A 37 5.57 14.54 24.48
CA LEU A 37 6.45 15.09 23.44
C LEU A 37 7.87 14.70 23.84
N VAL A 38 8.39 13.66 23.19
CA VAL A 38 9.71 13.12 23.49
C VAL A 38 10.74 13.51 22.43
N PHE A 39 11.95 13.81 22.89
CA PHE A 39 13.07 14.15 22.05
C PHE A 39 14.27 13.44 22.58
N ALA A 40 15.26 13.25 21.70
CA ALA A 40 16.53 12.60 22.00
C ALA A 40 17.66 13.56 21.73
N THR A 41 18.72 13.44 22.53
CA THR A 41 19.97 14.20 22.34
C THR A 41 21.07 13.19 22.15
N VAL A 42 22.01 13.55 21.27
CA VAL A 42 23.19 12.75 20.96
C VAL A 42 24.41 13.58 21.05
N GLY A 43 25.40 13.00 21.66
CA GLY A 43 26.69 13.61 21.89
C GLY A 43 27.51 12.58 22.62
N SER A 44 28.86 12.57 22.36
CA SER A 44 29.81 11.65 22.98
C SER A 44 29.32 10.21 22.75
N ASN A 45 29.49 9.30 23.71
CA ASN A 45 29.02 7.92 23.60
C ASN A 45 27.60 7.78 24.18
N ARG A 46 26.92 8.92 24.38
CA ARG A 46 25.59 8.99 25.02
C ARG A 46 24.46 9.29 24.07
N VAL A 47 23.28 8.74 24.40
CA VAL A 47 22.02 8.94 23.70
C VAL A 47 21.05 9.10 24.83
N THR A 48 20.54 10.32 25.04
CA THR A 48 19.63 10.60 26.14
C THR A 48 18.27 10.96 25.59
N LEU A 49 17.21 10.46 26.27
CA LEU A 49 15.82 10.67 25.94
C LEU A 49 15.13 11.58 26.99
N TYR A 50 14.23 12.45 26.54
CA TYR A 50 13.53 13.40 27.39
C TYR A 50 12.07 13.59 27.00
N GLU A 51 11.21 13.67 28.00
CA GLU A 51 9.82 14.04 27.81
C GLU A 51 9.70 15.54 28.15
N CYS A 52 8.84 16.23 27.40
CA CYS A 52 8.53 17.63 27.60
C CYS A 52 7.22 17.73 28.32
N HIS A 53 7.22 18.50 29.39
CA HIS A 53 6.04 18.68 30.22
C HIS A 53 5.76 20.13 30.47
N SER A 54 4.52 20.37 30.94
CA SER A 54 3.99 21.66 31.34
C SER A 54 4.97 22.37 32.27
N GLN A 55 4.97 23.71 32.19
CA GLN A 55 5.82 24.64 32.96
C GLN A 55 7.33 24.43 32.72
N GLY A 56 7.68 24.27 31.44
CA GLY A 56 9.05 24.08 31.00
C GLY A 56 9.80 22.93 31.62
N GLU A 57 9.08 21.94 32.14
CA GLU A 57 9.72 20.78 32.74
C GLU A 57 10.23 19.83 31.63
N ILE A 58 11.52 19.48 31.72
CA ILE A 58 12.19 18.53 30.85
C ILE A 58 12.58 17.35 31.77
N ARG A 59 11.79 16.27 31.68
CA ARG A 59 11.93 15.03 32.44
C ARG A 59 12.84 14.05 31.74
N LEU A 60 14.00 13.78 32.35
CA LEU A 60 14.97 12.77 31.90
C LEU A 60 14.27 11.40 31.93
N LEU A 61 14.42 10.61 30.86
CA LEU A 61 13.77 9.30 30.79
C LEU A 61 14.80 8.23 30.94
N GLN A 62 15.66 8.08 29.93
CA GLN A 62 16.72 7.06 29.94
C GLN A 62 18.00 7.59 29.32
N SER A 63 19.11 6.90 29.57
CA SER A 63 20.41 7.28 29.01
C SER A 63 21.13 6.06 28.48
N TYR A 64 21.28 5.94 27.14
CA TYR A 64 22.06 4.88 26.52
C TYR A 64 23.51 5.34 26.57
N VAL A 65 24.38 4.50 27.13
CA VAL A 65 25.82 4.76 27.21
C VAL A 65 26.47 3.63 26.42
N ASP A 66 27.07 3.99 25.27
CA ASP A 66 27.70 3.04 24.36
C ASP A 66 28.91 2.37 24.97
N ALA A 67 29.02 1.02 24.79
CA ALA A 67 30.13 0.19 25.27
C ALA A 67 31.48 0.82 24.90
N ASP A 68 31.57 1.32 23.64
CA ASP A 68 32.74 2.01 23.08
C ASP A 68 32.77 3.43 23.67
N ALA A 69 33.81 3.72 24.47
CA ALA A 69 34.01 5.03 25.10
C ALA A 69 34.50 6.05 24.08
N ASP A 70 35.29 5.59 23.08
CA ASP A 70 35.84 6.41 21.99
C ASP A 70 34.75 7.01 21.09
N GLU A 71 33.64 6.26 20.86
CA GLU A 71 32.50 6.67 20.05
C GLU A 71 32.01 8.07 20.41
N ASN A 72 31.71 8.85 19.38
CA ASN A 72 31.16 10.18 19.42
C ASN A 72 30.00 10.22 18.40
N PHE A 73 28.75 10.21 18.91
CA PHE A 73 27.53 10.18 18.08
C PHE A 73 27.27 11.55 17.48
N TYR A 74 26.92 11.61 16.22
CA TYR A 74 26.71 12.92 15.58
C TYR A 74 25.26 13.18 15.18
N THR A 75 24.54 12.09 14.92
CA THR A 75 23.20 12.17 14.37
C THR A 75 22.30 11.15 15.02
N CYS A 76 21.01 11.31 14.84
CA CYS A 76 20.00 10.36 15.27
C CYS A 76 18.71 10.56 14.49
N ALA A 77 18.07 9.47 14.16
CA ALA A 77 16.84 9.53 13.42
C ALA A 77 15.77 8.68 14.08
N TRP A 78 14.54 9.23 14.19
CA TRP A 78 13.41 8.52 14.76
C TRP A 78 12.68 7.78 13.63
N THR A 79 12.12 6.62 13.98
CA THR A 79 11.24 5.79 13.14
C THR A 79 10.38 4.93 14.06
N TYR A 80 9.72 3.94 13.46
CA TYR A 80 8.89 2.97 14.15
C TYR A 80 8.97 1.61 13.44
N ASP A 81 8.59 0.56 14.19
CA ASP A 81 8.52 -0.80 13.68
C ASP A 81 7.22 -0.89 12.89
N SER A 82 7.31 -1.21 11.59
CA SER A 82 6.14 -1.33 10.70
C SER A 82 5.16 -2.40 11.19
N ASN A 83 5.66 -3.42 11.91
CA ASN A 83 4.85 -4.50 12.49
C ASN A 83 4.09 -4.05 13.74
N THR A 84 4.86 -3.85 14.82
CA THR A 84 4.43 -3.52 16.17
C THR A 84 4.00 -2.08 16.42
N SER A 85 4.38 -1.14 15.54
CA SER A 85 4.14 0.31 15.73
C SER A 85 5.03 0.89 16.85
N HIS A 86 5.91 0.04 17.42
CA HIS A 86 6.87 0.35 18.48
C HIS A 86 7.80 1.44 17.99
N PRO A 87 8.07 2.50 18.78
CA PRO A 87 8.99 3.56 18.33
C PRO A 87 10.42 3.04 18.22
N LEU A 88 11.15 3.47 17.21
CA LEU A 88 12.55 3.06 17.01
C LEU A 88 13.46 4.26 16.79
N LEU A 89 14.66 4.24 17.37
CA LEU A 89 15.62 5.33 17.21
C LEU A 89 16.93 4.80 16.63
N ALA A 90 17.44 5.43 15.55
CA ALA A 90 18.71 5.06 14.91
C ALA A 90 19.76 6.09 15.24
N VAL A 91 20.95 5.67 15.68
CA VAL A 91 22.05 6.59 16.01
C VAL A 91 23.30 6.21 15.28
N ALA A 92 24.19 7.21 15.06
CA ALA A 92 25.47 7.01 14.39
C ALA A 92 26.45 8.13 14.65
N GLY A 93 27.73 7.83 14.48
CA GLY A 93 28.78 8.82 14.65
C GLY A 93 30.12 8.45 14.07
N SER A 94 31.18 8.91 14.75
CA SER A 94 32.59 8.75 14.44
C SER A 94 32.95 7.32 14.07
N ARG A 95 32.51 6.33 14.88
CA ARG A 95 32.76 4.89 14.70
C ARG A 95 32.18 4.31 13.38
N GLY A 96 31.33 5.07 12.67
CA GLY A 96 30.70 4.61 11.43
C GLY A 96 29.82 3.38 11.53
N ILE A 97 29.21 3.12 12.72
CA ILE A 97 28.31 1.98 13.02
C ILE A 97 26.90 2.53 13.26
N ILE A 98 25.88 1.98 12.57
CA ILE A 98 24.48 2.42 12.75
C ILE A 98 23.82 1.54 13.80
N ARG A 99 23.47 2.11 14.95
CA ARG A 99 22.79 1.44 16.07
C ARG A 99 21.26 1.71 16.06
N ILE A 100 20.43 0.64 16.09
CA ILE A 100 18.95 0.72 16.16
C ILE A 100 18.54 0.44 17.62
N ILE A 101 18.15 1.49 18.36
CA ILE A 101 17.79 1.43 19.77
C ILE A 101 16.30 1.43 20.05
N ASN A 102 15.89 0.55 21.00
CA ASN A 102 14.55 0.42 21.55
C ASN A 102 14.45 1.54 22.58
N PRO A 103 13.70 2.62 22.33
CA PRO A 103 13.68 3.74 23.27
C PRO A 103 13.02 3.46 24.63
N ILE A 104 12.30 2.34 24.72
CA ILE A 104 11.57 1.97 25.94
C ILE A 104 12.50 1.19 26.90
N THR A 105 13.40 0.33 26.38
CA THR A 105 14.35 -0.39 27.23
C THR A 105 15.74 0.23 27.19
N MET A 106 15.97 1.15 26.21
CA MET A 106 17.23 1.85 25.89
C MET A 106 18.36 0.84 25.80
N GLN A 107 18.07 -0.16 24.98
CA GLN A 107 18.80 -1.37 24.71
C GLN A 107 18.88 -1.47 23.17
N CYS A 108 20.11 -1.65 22.66
CA CYS A 108 20.37 -1.79 21.23
C CYS A 108 19.69 -3.08 20.72
N ILE A 109 19.03 -3.02 19.56
CA ILE A 109 18.32 -4.18 19.01
C ILE A 109 19.04 -4.74 17.76
N LYS A 110 19.89 -3.89 17.09
CA LYS A 110 20.73 -4.22 15.91
C LYS A 110 21.67 -3.11 15.53
N HIS A 111 22.87 -3.47 15.04
CA HIS A 111 23.92 -2.53 14.60
C HIS A 111 24.48 -2.87 13.24
N TYR A 112 24.14 -2.06 12.23
CA TYR A 112 24.59 -2.16 10.84
C TYR A 112 25.95 -1.56 10.71
N VAL A 113 26.84 -2.29 10.04
CA VAL A 113 28.19 -1.86 9.71
C VAL A 113 28.28 -1.91 8.18
N GLY A 114 29.30 -1.29 7.63
CA GLY A 114 29.53 -1.25 6.19
C GLY A 114 30.24 0.02 5.75
N HIS A 115 29.75 1.20 6.25
CA HIS A 115 30.33 2.52 6.00
C HIS A 115 31.79 2.50 6.46
N GLY A 116 32.71 2.74 5.53
CA GLY A 116 34.15 2.71 5.78
C GLY A 116 34.65 3.69 6.81
N ASN A 117 33.90 4.77 7.01
CA ASN A 117 34.27 5.80 7.96
C ASN A 117 33.04 6.32 8.73
N ALA A 118 33.22 7.44 9.46
CA ALA A 118 32.24 8.16 10.25
C ALA A 118 30.92 8.45 9.50
N ILE A 119 29.79 8.50 10.25
CA ILE A 119 28.49 8.83 9.68
C ILE A 119 28.05 10.18 10.19
N ASN A 120 27.83 11.13 9.27
CA ASN A 120 27.43 12.50 9.59
C ASN A 120 25.93 12.75 9.64
N GLU A 121 25.12 11.99 8.86
CA GLU A 121 23.67 12.18 8.87
C GLU A 121 22.99 10.85 8.75
N LEU A 122 21.74 10.78 9.27
CA LEU A 122 20.82 9.66 9.22
C LEU A 122 19.41 10.19 8.91
N LYS A 123 18.73 9.65 7.88
CA LYS A 123 17.36 10.06 7.53
C LYS A 123 16.48 8.87 7.08
N PHE A 124 15.29 8.78 7.73
CA PHE A 124 14.27 7.79 7.43
C PHE A 124 13.37 8.34 6.35
N HIS A 125 13.10 7.51 5.32
CA HIS A 125 12.26 7.85 4.18
C HIS A 125 10.92 8.36 4.69
N PRO A 126 10.31 9.43 4.14
CA PRO A 126 9.06 9.92 4.72
C PRO A 126 7.85 8.96 4.62
N ARG A 127 7.92 7.97 3.72
CA ARG A 127 6.81 7.03 3.50
C ARG A 127 7.10 5.63 4.04
N ASP A 128 8.28 5.08 3.71
CA ASP A 128 8.68 3.76 4.18
C ASP A 128 9.56 3.88 5.45
N PRO A 129 9.05 3.39 6.62
CA PRO A 129 9.84 3.48 7.87
C PRO A 129 11.04 2.57 7.95
N ASN A 130 11.28 1.77 6.93
CA ASN A 130 12.42 0.87 7.00
C ASN A 130 13.65 1.34 6.21
N LEU A 131 13.46 2.35 5.36
CA LEU A 131 14.55 2.80 4.51
C LEU A 131 15.28 3.92 5.18
N LEU A 132 16.48 3.56 5.69
CA LEU A 132 17.38 4.44 6.40
C LEU A 132 18.50 4.87 5.48
N LEU A 133 18.71 6.20 5.38
CA LEU A 133 19.78 6.75 4.57
C LEU A 133 20.86 7.26 5.49
N SER A 134 22.11 6.98 5.11
CA SER A 134 23.31 7.42 5.84
C SER A 134 24.37 7.96 4.92
N VAL A 135 24.86 9.16 5.25
CA VAL A 135 25.92 9.84 4.54
C VAL A 135 27.20 9.64 5.30
N SER A 136 28.30 9.42 4.58
CA SER A 136 29.55 9.09 5.21
C SER A 136 30.76 9.88 4.78
N LYS A 137 31.80 9.77 5.64
CA LYS A 137 33.12 10.35 5.49
C LYS A 137 33.74 9.65 4.28
N ASP A 138 33.30 8.39 3.98
CA ASP A 138 33.80 7.58 2.85
C ASP A 138 33.32 8.04 1.48
N HIS A 139 32.72 9.25 1.39
CA HIS A 139 32.24 9.88 0.14
C HIS A 139 30.92 9.34 -0.41
N ALA A 140 30.34 8.30 0.23
CA ALA A 140 29.12 7.69 -0.24
C ALA A 140 27.90 7.76 0.72
N LEU A 141 26.73 7.49 0.12
CA LEU A 141 25.41 7.41 0.73
C LEU A 141 25.00 5.95 0.71
N ARG A 142 24.52 5.45 1.85
CA ARG A 142 24.04 4.08 1.93
C ARG A 142 22.57 4.08 2.29
N LEU A 143 21.75 3.44 1.46
CA LEU A 143 20.31 3.28 1.70
C LEU A 143 20.10 1.83 2.20
N TRP A 144 19.47 1.70 3.37
CA TRP A 144 19.28 0.40 4.02
C TRP A 144 17.82 0.09 4.28
N ASN A 145 17.49 -1.21 4.25
CA ASN A 145 16.18 -1.77 4.59
C ASN A 145 16.37 -2.29 6.01
N ILE A 146 15.69 -1.70 7.01
CA ILE A 146 15.93 -2.15 8.37
C ILE A 146 14.93 -3.27 8.81
N GLN A 147 14.02 -3.68 7.93
CA GLN A 147 13.12 -4.81 8.13
C GLN A 147 13.87 -6.09 7.77
N THR A 148 14.48 -6.15 6.58
CA THR A 148 15.21 -7.33 6.10
C THR A 148 16.73 -7.23 6.28
N ASP A 149 17.19 -6.23 7.06
CA ASP A 149 18.61 -5.98 7.36
C ASP A 149 19.52 -5.92 6.09
N THR A 150 19.06 -5.28 5.00
CA THR A 150 19.87 -5.20 3.80
C THR A 150 20.35 -3.82 3.40
N LEU A 151 21.49 -3.78 2.67
CA LEU A 151 22.02 -2.60 2.05
C LEU A 151 21.41 -2.57 0.62
N VAL A 152 20.40 -1.71 0.44
CA VAL A 152 19.67 -1.51 -0.80
C VAL A 152 20.57 -0.95 -1.94
N ALA A 153 21.30 0.14 -1.63
CA ALA A 153 22.08 0.89 -2.59
C ALA A 153 23.22 1.62 -1.95
N ILE A 154 24.30 1.81 -2.74
CA ILE A 154 25.45 2.65 -2.43
C ILE A 154 25.47 3.74 -3.50
N PHE A 155 25.25 4.98 -3.07
CA PHE A 155 25.24 6.15 -3.94
C PHE A 155 26.63 6.79 -3.89
N GLY A 156 27.34 6.70 -5.00
CA GLY A 156 28.69 7.20 -5.12
C GLY A 156 29.53 6.39 -6.10
N GLY A 157 30.70 6.93 -6.42
CA GLY A 157 31.64 6.32 -7.35
C GLY A 157 32.14 7.31 -8.36
N VAL A 158 32.02 6.95 -9.64
CA VAL A 158 32.46 7.73 -10.79
C VAL A 158 31.93 9.15 -10.74
N GLU A 159 30.66 9.33 -10.36
CA GLU A 159 30.19 10.71 -10.31
C GLU A 159 29.63 11.10 -8.95
N GLY A 160 29.89 10.28 -7.92
CA GLY A 160 29.55 10.58 -6.54
C GLY A 160 30.46 11.64 -5.93
N HIS A 161 30.24 12.02 -4.66
CA HIS A 161 31.04 13.04 -3.93
C HIS A 161 32.56 12.73 -3.88
N ARG A 162 33.39 13.72 -4.19
CA ARG A 162 34.84 13.51 -4.19
C ARG A 162 35.47 13.68 -2.79
N ASP A 163 34.63 13.99 -1.78
CA ASP A 163 35.02 14.16 -0.39
C ASP A 163 33.84 13.74 0.52
N GLU A 164 34.05 13.75 1.84
CA GLU A 164 33.08 13.43 2.90
C GLU A 164 31.72 14.05 2.58
N VAL A 165 30.62 13.25 2.62
CA VAL A 165 29.25 13.74 2.40
C VAL A 165 28.85 14.22 3.79
N LEU A 166 28.29 15.44 3.94
CA LEU A 166 27.95 15.99 5.27
C LEU A 166 26.46 15.88 5.64
N SER A 167 25.54 16.08 4.67
CA SER A 167 24.10 15.94 4.90
C SER A 167 23.37 15.36 3.70
N ALA A 168 22.07 15.09 3.88
CA ALA A 168 21.18 14.60 2.84
C ALA A 168 19.72 14.77 3.27
N ASP A 169 18.85 14.84 2.28
CA ASP A 169 17.45 15.03 2.57
C ASP A 169 16.61 14.46 1.48
N TYR A 170 15.58 13.73 1.88
CA TYR A 170 14.53 13.23 1.00
C TYR A 170 13.59 14.42 0.66
N ASP A 171 12.84 14.32 -0.44
CA ASP A 171 11.80 15.33 -0.73
C ASP A 171 10.58 14.86 0.09
N LEU A 172 9.60 15.75 0.30
CA LEU A 172 8.40 15.43 1.06
C LEU A 172 7.83 14.08 0.71
N LEU A 173 7.75 13.73 -0.61
CA LEU A 173 7.18 12.47 -1.11
C LEU A 173 8.11 11.23 -1.07
N GLY A 174 9.41 11.44 -0.80
CA GLY A 174 10.39 10.37 -0.77
C GLY A 174 10.82 9.85 -2.12
N GLU A 175 10.62 10.65 -3.20
CA GLU A 175 11.00 10.32 -4.58
C GLU A 175 12.51 10.50 -4.90
N LYS A 176 13.18 11.38 -4.15
CA LYS A 176 14.58 11.75 -4.39
C LYS A 176 15.32 12.29 -3.17
N ILE A 177 16.66 12.21 -3.22
CA ILE A 177 17.57 12.69 -2.16
C ILE A 177 18.43 13.82 -2.73
N MET A 178 18.67 14.87 -1.95
CA MET A 178 19.64 15.91 -2.31
C MET A 178 20.76 15.75 -1.30
N SER A 179 21.99 15.50 -1.78
CA SER A 179 23.14 15.28 -0.89
C SER A 179 24.16 16.39 -1.04
N CYS A 180 25.01 16.60 -0.02
CA CYS A 180 26.02 17.66 -0.02
C CYS A 180 27.26 17.32 0.83
N GLY A 181 28.42 17.91 0.50
CA GLY A 181 29.63 17.65 1.29
C GLY A 181 30.82 18.59 1.16
N MET A 182 31.99 18.11 1.67
CA MET A 182 33.26 18.82 1.68
C MET A 182 33.81 19.10 0.29
N ASP A 183 33.27 18.38 -0.71
CA ASP A 183 33.61 18.54 -2.11
C ASP A 183 32.91 19.74 -2.73
N HIS A 184 32.17 20.55 -1.91
CA HIS A 184 31.42 21.78 -2.30
C HIS A 184 30.20 21.52 -3.17
N SER A 185 29.98 20.25 -3.55
CA SER A 185 28.90 19.90 -4.43
C SER A 185 27.60 19.55 -3.69
N LEU A 186 26.52 19.53 -4.48
CA LEU A 186 25.17 19.19 -4.10
C LEU A 186 24.73 18.31 -5.23
N LYS A 187 24.43 17.03 -4.94
CA LYS A 187 24.03 16.05 -5.95
C LYS A 187 22.63 15.58 -5.66
N LEU A 188 21.94 15.17 -6.69
CA LEU A 188 20.56 14.72 -6.59
C LEU A 188 20.45 13.24 -7.01
N TRP A 189 19.82 12.42 -6.21
CA TRP A 189 19.64 11.00 -6.53
C TRP A 189 18.18 10.70 -6.54
N ARG A 190 17.66 10.27 -7.68
CA ARG A 190 16.25 9.91 -7.81
C ARG A 190 16.12 8.49 -7.38
N ILE A 191 15.22 8.23 -6.43
CA ILE A 191 15.01 6.87 -5.94
C ILE A 191 13.62 6.29 -6.42
N ASN A 192 12.97 7.02 -7.32
CA ASN A 192 11.68 6.67 -7.94
C ASN A 192 11.90 6.24 -9.41
N SER A 193 13.16 5.88 -9.70
CA SER A 193 13.59 5.38 -10.99
C SER A 193 13.21 3.88 -11.00
N LYS A 194 12.87 3.34 -12.20
CA LYS A 194 12.51 1.94 -12.33
C LYS A 194 13.59 1.06 -11.69
N ARG A 195 14.86 1.47 -11.78
CA ARG A 195 16.01 0.78 -11.18
C ARG A 195 15.93 0.79 -9.66
N MET A 196 15.69 1.97 -9.07
CA MET A 196 15.64 2.06 -7.62
C MET A 196 14.43 1.40 -6.99
N MET A 197 13.22 1.65 -7.56
CA MET A 197 12.01 1.05 -7.02
C MET A 197 12.14 -0.45 -7.08
N ASN A 198 12.72 -0.99 -8.16
CA ASN A 198 12.89 -2.43 -8.24
C ASN A 198 13.88 -2.94 -7.17
N ALA A 199 14.92 -2.15 -6.88
CA ALA A 199 15.98 -2.45 -5.91
C ALA A 199 15.36 -2.59 -4.54
N ILE A 200 14.49 -1.64 -4.20
CA ILE A 200 13.78 -1.59 -2.94
C ILE A 200 12.89 -2.82 -2.84
N LYS A 201 12.03 -3.08 -3.88
CA LYS A 201 11.17 -4.27 -3.93
C LYS A 201 12.01 -5.56 -3.71
N GLU A 202 13.13 -5.69 -4.40
CA GLU A 202 14.01 -6.85 -4.26
C GLU A 202 14.45 -7.04 -2.80
N SER A 203 14.86 -5.94 -2.13
CA SER A 203 15.33 -5.98 -0.73
C SER A 203 14.27 -6.46 0.26
N TYR A 204 12.99 -6.30 -0.10
CA TYR A 204 11.85 -6.77 0.68
C TYR A 204 11.60 -8.27 0.47
N ASP A 205 11.91 -8.80 -0.73
CA ASP A 205 11.74 -10.22 -1.03
C ASP A 205 12.94 -11.01 -0.59
N TYR A 206 14.07 -10.34 -0.25
CA TYR A 206 15.25 -11.04 0.23
C TYR A 206 15.02 -11.68 1.58
N ASN A 207 15.32 -12.99 1.66
CA ASN A 207 15.14 -13.80 2.86
C ASN A 207 16.29 -14.83 2.99
N PRO A 208 17.04 -14.84 4.13
CA PRO A 208 18.13 -15.83 4.29
C PRO A 208 17.64 -17.27 4.40
N ASN A 209 16.51 -17.49 5.10
CA ASN A 209 15.93 -18.83 5.22
C ASN A 209 15.06 -19.15 3.99
N LYS A 210 15.73 -19.17 2.80
CA LYS A 210 15.22 -19.45 1.45
C LYS A 210 16.38 -19.46 0.42
N THR A 211 17.56 -18.92 0.82
CA THR A 211 18.75 -18.83 -0.04
C THR A 211 20.09 -18.85 0.74
N ASN A 212 21.16 -19.27 0.05
CA ASN A 212 22.54 -19.34 0.55
C ASN A 212 23.32 -18.07 0.10
N ARG A 213 22.94 -17.49 -1.07
CA ARG A 213 23.57 -16.32 -1.70
C ARG A 213 23.13 -14.96 -1.09
N PRO A 214 24.10 -14.07 -0.73
CA PRO A 214 23.74 -12.78 -0.09
C PRO A 214 23.08 -11.76 -1.03
N PHE A 215 22.49 -10.69 -0.42
CA PHE A 215 21.80 -9.64 -1.17
C PHE A 215 22.77 -8.73 -1.87
N ILE A 216 22.47 -8.40 -3.14
CA ILE A 216 23.35 -7.57 -3.94
C ILE A 216 22.87 -6.15 -3.98
N SER A 217 23.65 -5.27 -3.38
CA SER A 217 23.35 -3.86 -3.35
C SER A 217 23.55 -3.25 -4.74
N GLN A 218 22.77 -2.20 -5.06
CA GLN A 218 22.89 -1.44 -6.30
C GLN A 218 23.98 -0.45 -6.04
N LYS A 219 24.82 -0.22 -7.04
CA LYS A 219 25.85 0.80 -6.92
C LYS A 219 25.49 1.90 -7.91
N ILE A 220 25.02 3.03 -7.38
CA ILE A 220 24.60 4.17 -8.18
C ILE A 220 25.82 5.09 -8.34
N HIS A 221 26.47 5.04 -9.51
CA HIS A 221 27.66 5.84 -9.73
C HIS A 221 27.34 7.22 -10.22
N PHE A 222 26.13 7.40 -10.78
CA PHE A 222 25.75 8.65 -11.42
C PHE A 222 24.53 9.33 -10.82
N PRO A 223 24.67 10.59 -10.33
CA PRO A 223 23.50 11.31 -9.82
C PRO A 223 22.62 11.80 -10.98
N ASP A 224 21.52 12.49 -10.69
CA ASP A 224 20.61 13.00 -11.71
C ASP A 224 20.74 14.51 -11.84
N PHE A 225 21.57 15.11 -10.97
CA PHE A 225 21.92 16.53 -10.95
C PHE A 225 23.16 16.73 -10.08
N SER A 226 24.03 17.67 -10.48
CA SER A 226 25.22 18.07 -9.75
C SER A 226 25.52 19.60 -9.91
N THR A 227 26.02 20.25 -8.87
CA THR A 227 26.40 21.66 -8.91
C THR A 227 27.45 21.98 -7.88
N ARG A 228 28.31 22.96 -8.18
CA ARG A 228 29.35 23.50 -7.29
C ARG A 228 29.25 25.03 -7.41
N ASP A 229 28.14 25.52 -8.06
CA ASP A 229 27.80 26.92 -8.38
C ASP A 229 27.00 27.60 -7.29
N ILE A 230 26.86 26.96 -6.11
CA ILE A 230 26.06 27.49 -5.00
C ILE A 230 26.91 28.01 -3.85
N HIS A 231 27.93 27.23 -3.43
CA HIS A 231 28.81 27.57 -2.31
C HIS A 231 30.29 27.49 -2.67
N ARG A 232 31.10 28.31 -2.00
CA ARG A 232 32.55 28.39 -2.24
C ARG A 232 33.39 27.58 -1.22
N ASN A 233 32.72 26.90 -0.26
CA ASN A 233 33.37 26.04 0.75
C ASN A 233 32.49 24.80 1.00
N TYR A 234 32.76 24.01 2.08
CA TYR A 234 32.00 22.80 2.41
C TYR A 234 30.49 23.09 2.54
N VAL A 235 29.64 22.13 2.16
CA VAL A 235 28.19 22.24 2.35
C VAL A 235 27.88 21.31 3.53
N ASP A 236 27.49 21.90 4.68
CA ASP A 236 27.32 21.13 5.92
C ASP A 236 25.90 20.77 6.24
N CYS A 237 24.92 21.33 5.52
CA CYS A 237 23.51 21.07 5.78
C CYS A 237 22.70 21.31 4.53
N VAL A 238 21.78 20.39 4.23
CA VAL A 238 20.86 20.46 3.08
C VAL A 238 19.48 19.90 3.47
N ARG A 239 18.41 20.60 3.03
CA ARG A 239 17.01 20.22 3.22
C ARG A 239 16.23 20.76 2.04
N TRP A 240 15.19 20.07 1.64
CA TRP A 240 14.31 20.49 0.57
C TRP A 240 13.25 21.44 1.14
N LEU A 241 12.85 22.42 0.32
CA LEU A 241 11.76 23.34 0.59
C LEU A 241 10.84 23.20 -0.62
N GLY A 242 10.00 22.17 -0.59
CA GLY A 242 9.13 21.82 -1.70
C GLY A 242 9.96 21.27 -2.83
N ASP A 243 9.96 21.98 -3.94
CA ASP A 243 10.71 21.62 -5.13
C ASP A 243 12.02 22.40 -5.20
N LEU A 244 12.25 23.24 -4.17
CA LEU A 244 13.41 24.10 -3.99
C LEU A 244 14.40 23.55 -2.93
N ILE A 245 15.66 23.96 -2.97
CA ILE A 245 16.64 23.52 -1.98
C ILE A 245 17.07 24.67 -1.06
N LEU A 246 17.35 24.31 0.19
CA LEU A 246 17.85 25.17 1.22
C LEU A 246 19.18 24.50 1.63
N SER A 247 20.29 25.23 1.53
CA SER A 247 21.61 24.71 1.86
C SER A 247 22.49 25.80 2.44
N LYS A 248 23.54 25.41 3.17
CA LYS A 248 24.42 26.40 3.79
C LYS A 248 25.87 25.96 3.83
N SER A 249 26.77 26.94 4.04
CA SER A 249 28.21 26.76 4.13
C SER A 249 28.71 27.57 5.35
N CYS A 250 30.00 27.97 5.38
CA CYS A 250 30.48 28.79 6.49
C CYS A 250 30.13 30.27 6.23
N GLU A 251 29.61 30.60 5.00
CA GLU A 251 29.28 31.91 4.42
C GLU A 251 28.20 32.76 5.14
N ASN A 252 27.82 32.43 6.37
CA ASN A 252 26.82 33.15 7.17
C ASN A 252 25.48 33.49 6.44
N ALA A 253 25.04 32.56 5.57
CA ALA A 253 23.77 32.59 4.86
C ALA A 253 23.31 31.17 4.48
N ILE A 254 21.97 30.93 4.52
CA ILE A 254 21.30 29.71 4.06
C ILE A 254 20.71 30.14 2.72
N VAL A 255 21.20 29.53 1.64
CA VAL A 255 20.79 29.84 0.25
C VAL A 255 19.61 29.05 -0.16
N CYS A 256 18.60 29.73 -0.71
CA CYS A 256 17.45 29.06 -1.32
C CYS A 256 17.61 29.06 -2.84
N TRP A 257 17.90 27.89 -3.41
CA TRP A 257 18.14 27.75 -4.85
C TRP A 257 17.35 26.61 -5.48
N LYS A 258 17.45 26.47 -6.81
CA LYS A 258 16.78 25.36 -7.49
C LYS A 258 17.63 24.87 -8.66
N PRO A 259 17.62 23.57 -8.98
CA PRO A 259 18.35 23.09 -10.16
C PRO A 259 17.72 23.64 -11.44
N GLY A 260 18.59 24.08 -12.34
CA GLY A 260 18.26 24.62 -13.65
C GLY A 260 17.86 26.09 -13.70
N LYS A 261 17.24 26.47 -14.83
CA LYS A 261 16.73 27.81 -15.05
C LYS A 261 15.45 27.97 -14.23
N MET A 262 15.22 29.20 -13.77
CA MET A 262 14.14 29.69 -12.88
C MET A 262 12.75 29.02 -13.08
N GLU A 263 12.39 28.65 -14.31
CA GLU A 263 11.06 28.06 -14.57
C GLU A 263 11.10 26.54 -14.93
N ASP A 264 12.29 25.89 -14.93
CA ASP A 264 12.46 24.46 -15.22
C ASP A 264 11.92 23.58 -14.10
N ASP A 265 10.95 22.67 -14.42
CA ASP A 265 10.39 21.71 -13.44
C ASP A 265 11.46 20.67 -12.99
N ILE A 266 11.58 20.47 -11.66
CA ILE A 266 12.56 19.56 -11.04
C ILE A 266 12.54 18.17 -11.69
N ASP A 267 11.36 17.60 -11.99
CA ASP A 267 11.30 16.27 -12.58
C ASP A 267 11.57 16.26 -14.09
N LYS A 268 11.88 17.43 -14.69
CA LYS A 268 12.22 17.53 -16.12
C LYS A 268 13.71 17.84 -16.35
N ILE A 269 14.45 18.24 -15.29
CA ILE A 269 15.88 18.56 -15.42
C ILE A 269 16.66 17.28 -15.72
N LYS A 270 17.54 17.35 -16.72
CA LYS A 270 18.38 16.25 -17.19
C LYS A 270 19.66 16.08 -16.32
N PRO A 271 20.21 14.84 -16.18
CA PRO A 271 21.43 14.65 -15.35
C PRO A 271 22.63 15.51 -15.73
N SER A 272 22.68 15.98 -16.99
CA SER A 272 23.75 16.83 -17.55
C SER A 272 23.36 18.33 -17.50
N GLU A 273 22.59 18.75 -16.47
CA GLU A 273 22.19 20.14 -16.34
C GLU A 273 23.28 20.99 -15.68
N SER A 274 23.67 22.08 -16.36
CA SER A 274 24.69 23.05 -15.93
C SER A 274 24.09 24.27 -15.23
N ASN A 275 22.78 24.46 -15.35
CA ASN A 275 22.12 25.64 -14.78
C ASN A 275 21.64 25.43 -13.34
N VAL A 276 21.51 26.55 -12.61
CA VAL A 276 21.11 26.65 -11.20
C VAL A 276 20.52 28.06 -10.98
N THR A 277 19.44 28.18 -10.20
CA THR A 277 18.80 29.47 -9.94
C THR A 277 18.74 29.76 -8.47
N ILE A 278 19.54 30.73 -8.02
CA ILE A 278 19.59 31.22 -6.65
C ILE A 278 18.42 32.21 -6.41
N LEU A 279 17.43 31.78 -5.61
CA LEU A 279 16.20 32.51 -5.32
C LEU A 279 16.25 33.44 -4.09
N GLY A 280 17.09 33.12 -3.11
CA GLY A 280 17.15 33.93 -1.90
C GLY A 280 18.20 33.53 -0.90
N ARG A 281 18.39 34.37 0.13
CA ARG A 281 19.37 34.14 1.18
C ARG A 281 18.80 34.42 2.55
N PHE A 282 19.19 33.60 3.51
CA PHE A 282 18.79 33.79 4.89
C PHE A 282 20.07 34.15 5.64
N ASP A 283 20.28 35.45 5.78
CA ASP A 283 21.46 36.05 6.40
C ASP A 283 21.35 35.98 7.92
N TYR A 284 22.48 35.75 8.55
CA TYR A 284 22.63 35.62 10.00
C TYR A 284 24.11 35.88 10.29
N SER A 285 24.54 35.72 11.53
CA SER A 285 25.93 35.99 11.85
C SER A 285 26.51 35.06 12.89
N GLN A 286 27.84 35.01 12.92
CA GLN A 286 28.68 34.27 13.84
C GLN A 286 28.40 32.77 13.80
N CYS A 287 28.36 32.23 12.58
CA CYS A 287 28.15 30.83 12.30
C CYS A 287 29.13 30.41 11.18
N ASP A 288 30.38 30.91 11.30
CA ASP A 288 31.47 30.67 10.38
C ASP A 288 32.13 29.27 10.53
N ILE A 289 31.65 28.45 11.49
CA ILE A 289 32.20 27.08 11.67
C ILE A 289 31.33 25.96 11.04
N TRP A 290 31.90 24.75 10.98
CA TRP A 290 31.26 23.57 10.39
C TRP A 290 30.47 22.74 11.38
N TYR A 291 29.47 22.02 10.84
CA TYR A 291 28.58 21.07 11.51
C TYR A 291 27.46 21.75 12.29
N MET A 292 27.03 22.90 11.79
CA MET A 292 25.92 23.67 12.31
C MET A 292 24.77 23.34 11.37
N ARG A 293 23.72 22.73 11.93
CA ARG A 293 22.58 22.25 11.13
C ARG A 293 21.30 23.00 11.39
N PHE A 294 20.74 23.57 10.34
CA PHE A 294 19.45 24.24 10.41
C PHE A 294 18.34 23.19 10.35
N SER A 295 17.13 23.58 10.73
CA SER A 295 15.96 22.69 10.74
C SER A 295 14.64 23.44 10.45
N MET A 296 13.57 22.66 10.30
CA MET A 296 12.24 23.20 10.04
C MET A 296 11.21 22.47 10.87
N ASP A 297 10.00 23.04 10.94
CA ASP A 297 8.85 22.41 11.60
C ASP A 297 8.16 21.54 10.52
N PHE A 298 7.30 20.60 10.94
CA PHE A 298 6.62 19.67 10.04
C PHE A 298 5.99 20.35 8.81
N TRP A 299 5.21 21.42 9.02
CA TRP A 299 4.48 22.10 7.95
C TRP A 299 5.35 23.03 7.13
N GLN A 300 6.66 23.12 7.47
CA GLN A 300 7.71 23.91 6.80
C GLN A 300 7.34 25.40 6.69
N LYS A 301 7.03 25.98 7.84
CA LYS A 301 6.60 27.36 8.00
C LYS A 301 7.66 28.12 8.81
N MET A 302 8.49 27.36 9.53
CA MET A 302 9.52 27.92 10.37
C MET A 302 10.87 27.35 10.00
N LEU A 303 11.92 28.19 10.13
CA LEU A 303 13.30 27.82 9.84
C LEU A 303 14.17 28.24 11.04
N ALA A 304 14.76 27.29 11.76
CA ALA A 304 15.63 27.64 12.87
C ALA A 304 17.07 27.33 12.53
N LEU A 305 18.02 28.12 13.11
CA LEU A 305 19.47 27.97 12.98
C LEU A 305 20.16 28.56 14.21
N GLY A 306 21.17 27.87 14.70
CA GLY A 306 21.94 28.30 15.86
C GLY A 306 23.30 28.82 15.47
N ASN A 307 23.91 29.68 16.32
CA ASN A 307 25.22 30.16 15.96
C ASN A 307 26.29 29.75 17.00
N GLN A 308 27.56 30.17 16.82
CA GLN A 308 28.69 29.80 17.68
C GLN A 308 28.59 30.44 19.06
N VAL A 309 27.79 31.54 19.18
CA VAL A 309 27.68 32.32 20.42
C VAL A 309 26.34 32.06 21.15
N GLY A 310 25.63 31.01 20.77
CA GLY A 310 24.40 30.65 21.45
C GLY A 310 23.19 31.46 21.09
N LYS A 311 23.22 32.19 19.98
CA LYS A 311 22.01 32.90 19.53
C LYS A 311 21.20 31.91 18.64
N LEU A 312 19.90 32.15 18.49
CA LEU A 312 19.03 31.24 17.77
C LEU A 312 18.15 31.99 16.78
N TYR A 313 18.55 31.91 15.52
CA TYR A 313 17.89 32.54 14.41
C TYR A 313 16.69 31.71 13.98
N VAL A 314 15.57 32.38 13.66
CA VAL A 314 14.28 31.80 13.24
C VAL A 314 13.71 32.71 12.12
N TRP A 315 13.12 32.09 11.11
CA TRP A 315 12.52 32.77 9.99
C TRP A 315 11.14 32.20 9.76
N ASP A 316 10.25 33.03 9.23
CA ASP A 316 8.89 32.69 8.87
C ASP A 316 8.95 32.44 7.36
N LEU A 317 8.97 31.14 6.96
CA LEU A 317 9.07 30.70 5.56
C LEU A 317 7.86 31.09 4.69
N GLU A 318 6.71 31.45 5.30
CA GLU A 318 5.52 31.90 4.58
C GLU A 318 5.64 33.34 4.02
N VAL A 319 6.73 34.05 4.39
CA VAL A 319 7.07 35.39 3.90
C VAL A 319 7.98 35.22 2.69
N GLU A 320 7.64 35.88 1.56
CA GLU A 320 8.42 35.76 0.32
C GLU A 320 9.85 36.33 0.39
N ASP A 321 10.04 37.61 0.79
CA ASP A 321 11.39 38.17 0.87
C ASP A 321 12.11 37.72 2.15
N PRO A 322 13.26 37.01 2.04
CA PRO A 322 13.92 36.48 3.25
C PRO A 322 14.48 37.51 4.25
N HIS A 323 14.30 38.81 3.98
CA HIS A 323 14.72 39.88 4.88
C HIS A 323 13.57 40.14 5.86
N LYS A 324 12.34 40.21 5.32
CA LYS A 324 11.11 40.45 6.07
C LYS A 324 10.59 39.18 6.75
N ALA A 325 11.22 38.03 6.45
CA ALA A 325 10.90 36.71 7.01
C ALA A 325 11.54 36.52 8.39
N LYS A 326 12.61 37.29 8.67
CA LYS A 326 13.37 37.23 9.91
C LYS A 326 12.50 37.51 11.13
N CYS A 327 12.58 36.62 12.12
CA CYS A 327 11.86 36.71 13.39
C CYS A 327 12.85 37.19 14.42
N THR A 328 12.38 37.43 15.65
CA THR A 328 13.23 37.89 16.73
C THR A 328 14.23 36.78 17.11
N THR A 329 15.52 37.12 17.00
CA THR A 329 16.58 36.21 17.39
C THR A 329 16.38 35.83 18.86
N LEU A 330 16.31 34.52 19.10
CA LEU A 330 16.12 33.99 20.42
C LEU A 330 17.47 33.95 21.12
N THR A 331 17.59 34.80 22.16
CA THR A 331 18.79 34.95 22.99
C THR A 331 18.51 34.80 24.49
N HIS A 332 19.51 34.35 25.18
CA HIS A 332 19.53 34.15 26.61
C HIS A 332 20.96 34.37 27.07
N HIS A 333 21.19 35.35 27.95
CA HIS A 333 22.53 35.67 28.45
C HIS A 333 23.26 34.49 29.12
N LYS A 334 22.62 33.33 29.25
CA LYS A 334 23.26 32.18 29.85
C LYS A 334 23.59 31.15 28.77
N CYS A 335 23.11 31.39 27.53
CA CYS A 335 23.37 30.57 26.36
C CYS A 335 24.42 31.26 25.50
N GLY A 336 25.66 30.84 25.66
CA GLY A 336 26.79 31.39 24.94
C GLY A 336 27.58 30.39 24.13
N ALA A 337 27.31 29.08 24.35
CA ALA A 337 28.03 28.04 23.59
C ALA A 337 27.45 27.87 22.20
N ALA A 338 28.21 27.25 21.26
CA ALA A 338 27.76 26.98 19.90
C ALA A 338 26.50 26.10 19.86
N ILE A 339 25.44 26.51 19.13
CA ILE A 339 24.20 25.72 18.95
C ILE A 339 24.34 24.82 17.71
N ARG A 340 24.69 23.55 17.95
CA ARG A 340 24.92 22.54 16.93
C ARG A 340 23.70 22.17 16.14
N GLN A 341 22.55 22.01 16.81
CA GLN A 341 21.29 21.61 16.18
C GLN A 341 20.05 21.99 17.00
N THR A 342 18.92 22.15 16.31
CA THR A 342 17.61 22.48 16.89
C THR A 342 16.53 21.55 16.34
N SER A 343 15.52 21.29 17.14
CA SER A 343 14.40 20.46 16.73
C SER A 343 13.12 21.09 17.26
N PHE A 344 12.12 21.30 16.39
CA PHE A 344 10.75 21.77 16.76
C PHE A 344 9.97 20.51 17.11
N SER A 345 8.95 20.61 17.98
CA SER A 345 8.05 19.46 18.26
C SER A 345 7.06 19.39 17.05
N ARG A 346 6.46 18.20 16.77
CA ARG A 346 5.58 18.11 15.60
C ARG A 346 4.56 19.28 15.51
N ASP A 347 3.90 19.68 16.62
CA ASP A 347 2.94 20.80 16.63
C ASP A 347 3.59 22.24 16.67
N SER A 348 4.93 22.36 16.72
CA SER A 348 5.65 23.64 16.76
C SER A 348 5.56 24.40 18.10
N SER A 349 4.87 23.84 19.09
CA SER A 349 4.77 24.54 20.38
C SER A 349 6.10 24.56 21.19
N ILE A 350 7.07 23.66 20.86
CA ILE A 350 8.36 23.55 21.57
C ILE A 350 9.50 23.63 20.58
N LEU A 351 10.58 24.30 20.98
CA LEU A 351 11.83 24.36 20.22
C LEU A 351 13.03 24.06 21.13
N ILE A 352 13.82 23.06 20.80
CA ILE A 352 14.97 22.65 21.60
C ILE A 352 16.25 22.97 20.84
N ALA A 353 17.29 23.48 21.54
CA ALA A 353 18.60 23.73 20.96
C ALA A 353 19.65 22.97 21.75
N VAL A 354 20.67 22.39 21.09
CA VAL A 354 21.76 21.63 21.74
C VAL A 354 23.08 22.33 21.56
N CYS A 355 23.93 22.34 22.61
CA CYS A 355 25.18 23.08 22.56
C CYS A 355 26.43 22.29 22.88
N ASP A 356 27.55 22.94 22.56
CA ASP A 356 28.90 22.48 22.79
C ASP A 356 29.27 22.30 24.28
N ASP A 357 28.59 23.02 25.19
CA ASP A 357 28.82 22.94 26.63
C ASP A 357 27.96 21.88 27.32
N ALA A 358 27.41 20.92 26.55
CA ALA A 358 26.52 19.83 26.99
C ALA A 358 25.16 20.32 27.51
N SER A 359 24.70 21.50 27.06
CA SER A 359 23.43 22.06 27.47
C SER A 359 22.28 21.95 26.43
N ILE A 360 21.06 21.81 26.97
CA ILE A 360 19.80 21.76 26.24
C ILE A 360 19.05 23.02 26.64
N TRP A 361 18.42 23.70 25.66
CA TRP A 361 17.68 24.93 25.83
C TRP A 361 16.28 24.74 25.28
N ARG A 362 15.24 24.98 26.12
CA ARG A 362 13.83 24.85 25.71
C ARG A 362 13.20 26.20 25.43
N TRP A 363 12.51 26.31 24.30
CA TRP A 363 11.85 27.54 23.84
C TRP A 363 10.43 27.25 23.43
N ASP A 364 9.47 27.66 24.26
CA ASP A 364 8.05 27.46 23.99
C ASP A 364 7.45 28.65 23.21
N ARG A 365 6.76 28.36 22.09
CA ARG A 365 6.10 29.37 21.26
C ARG A 365 4.92 30.03 22.03
N LEU A 366 4.80 31.36 21.90
CA LEU A 366 3.75 32.18 22.55
C LEU A 366 2.51 32.38 21.69
N LYS B 3 -26.67 -6.25 -32.77
CA LYS B 3 -25.36 -5.70 -33.11
C LYS B 3 -24.18 -6.34 -32.32
N CYS B 4 -24.37 -7.57 -31.75
CA CYS B 4 -23.29 -8.26 -31.05
C CYS B 4 -22.30 -8.83 -32.06
N LYS B 5 -21.04 -8.38 -32.00
CA LYS B 5 -20.02 -8.85 -32.92
C LYS B 5 -19.47 -10.21 -32.56
N TYR B 6 -19.23 -10.45 -31.23
CA TYR B 6 -18.66 -11.68 -30.64
C TYR B 6 -19.21 -12.96 -31.23
N SER B 7 -18.30 -13.69 -31.84
CA SER B 7 -18.58 -14.96 -32.46
C SER B 7 -17.53 -15.95 -31.92
N PHE B 8 -17.92 -17.23 -31.80
CA PHE B 8 -17.06 -18.26 -31.23
C PHE B 8 -17.08 -19.52 -32.06
N LYS B 9 -16.00 -20.31 -31.96
CA LYS B 9 -15.84 -21.59 -32.66
C LYS B 9 -15.44 -22.59 -31.62
N CYS B 10 -16.16 -23.69 -31.55
CA CYS B 10 -15.84 -24.76 -30.61
C CYS B 10 -14.66 -25.53 -31.18
N VAL B 11 -13.52 -25.49 -30.50
CA VAL B 11 -12.31 -26.13 -31.02
C VAL B 11 -11.98 -27.45 -30.31
N ASN B 12 -12.62 -27.73 -29.16
CA ASN B 12 -12.27 -28.92 -28.42
C ASN B 12 -13.25 -29.25 -27.29
N SER B 13 -13.16 -30.50 -26.80
CA SER B 13 -13.96 -31.06 -25.75
C SER B 13 -13.37 -32.37 -25.26
N LEU B 14 -13.21 -32.52 -23.95
CA LEU B 14 -12.78 -33.77 -23.35
C LEU B 14 -13.83 -34.20 -22.32
N LYS B 15 -13.56 -35.27 -21.57
CA LYS B 15 -14.44 -35.81 -20.54
C LYS B 15 -13.57 -36.35 -19.43
N GLU B 16 -13.80 -35.88 -18.19
CA GLU B 16 -13.03 -36.31 -17.02
C GLU B 16 -13.49 -37.73 -16.67
N ASP B 17 -12.52 -38.69 -16.48
CA ASP B 17 -12.79 -40.11 -16.30
C ASP B 17 -13.72 -40.50 -15.08
N HIS B 18 -13.85 -39.60 -14.06
CA HIS B 18 -14.74 -39.85 -12.91
C HIS B 18 -16.25 -39.83 -13.28
N ASN B 19 -16.64 -39.13 -14.39
CA ASN B 19 -18.02 -39.01 -14.96
C ASN B 19 -19.03 -38.32 -14.03
N GLN B 20 -18.54 -37.80 -12.90
CA GLN B 20 -19.31 -37.06 -11.91
C GLN B 20 -19.47 -35.62 -12.38
N PRO B 21 -20.66 -35.02 -12.22
CA PRO B 21 -20.86 -33.63 -12.69
C PRO B 21 -19.78 -32.63 -12.29
N LEU B 22 -19.60 -31.62 -13.13
CA LEU B 22 -18.63 -30.59 -12.83
C LEU B 22 -19.45 -29.38 -12.59
N PHE B 23 -19.24 -28.72 -11.45
CA PHE B 23 -20.02 -27.58 -11.04
C PHE B 23 -19.35 -26.25 -11.19
N GLY B 24 -18.03 -26.22 -11.19
CA GLY B 24 -17.28 -24.97 -11.32
C GLY B 24 -16.08 -25.04 -12.25
N VAL B 25 -15.79 -23.92 -12.89
CA VAL B 25 -14.68 -23.69 -13.82
C VAL B 25 -14.21 -22.27 -13.57
N GLN B 26 -12.90 -22.11 -13.42
CA GLN B 26 -12.33 -20.79 -13.18
C GLN B 26 -10.98 -20.66 -13.86
N PHE B 27 -10.84 -19.61 -14.64
CA PHE B 27 -9.59 -19.27 -15.29
C PHE B 27 -8.78 -18.47 -14.25
N ASN B 28 -7.47 -18.65 -14.22
CA ASN B 28 -6.62 -17.92 -13.30
C ASN B 28 -6.34 -16.59 -13.94
N TRP B 29 -7.03 -15.53 -13.53
CA TRP B 29 -6.83 -14.19 -14.12
C TRP B 29 -5.67 -13.40 -13.45
N HIS B 30 -4.86 -14.09 -12.62
CA HIS B 30 -3.73 -13.46 -11.92
C HIS B 30 -2.43 -13.64 -12.67
N SER B 31 -2.33 -14.69 -13.51
CA SER B 31 -1.17 -14.96 -14.36
C SER B 31 -0.86 -13.72 -15.24
N LYS B 32 0.44 -13.39 -15.38
CA LYS B 32 0.91 -12.23 -16.13
C LYS B 32 0.66 -12.39 -17.64
N GLU B 33 0.76 -11.29 -18.40
CA GLU B 33 0.57 -11.33 -19.86
C GLU B 33 1.55 -12.33 -20.51
N GLY B 34 1.12 -12.93 -21.61
CA GLY B 34 1.94 -13.88 -22.35
C GLY B 34 2.00 -15.26 -21.74
N ASP B 35 2.02 -15.32 -20.38
CA ASP B 35 2.04 -16.53 -19.54
C ASP B 35 0.96 -17.50 -20.01
N PRO B 36 1.05 -18.83 -19.77
CA PRO B 36 -0.04 -19.72 -20.24
C PRO B 36 -1.41 -19.43 -19.62
N LEU B 37 -2.49 -19.78 -20.35
CA LEU B 37 -3.86 -19.59 -19.86
C LEU B 37 -4.28 -20.88 -19.19
N VAL B 38 -4.31 -20.85 -17.86
CA VAL B 38 -4.65 -21.99 -17.05
C VAL B 38 -6.05 -21.81 -16.38
N PHE B 39 -6.82 -22.91 -16.31
CA PHE B 39 -8.11 -22.91 -15.67
C PHE B 39 -8.27 -24.19 -14.86
N ALA B 40 -9.02 -24.09 -13.75
CA ALA B 40 -9.30 -25.21 -12.87
C ALA B 40 -10.75 -25.65 -13.02
N THR B 41 -11.03 -26.94 -12.78
CA THR B 41 -12.38 -27.52 -12.83
C THR B 41 -12.71 -28.21 -11.50
N VAL B 42 -13.94 -28.03 -10.98
CA VAL B 42 -14.34 -28.66 -9.73
C VAL B 42 -15.57 -29.48 -9.89
N GLY B 43 -15.51 -30.69 -9.37
CA GLY B 43 -16.60 -31.66 -9.42
C GLY B 43 -16.21 -32.88 -8.59
N SER B 44 -17.20 -33.49 -7.87
CA SER B 44 -16.97 -34.63 -6.95
C SER B 44 -15.80 -34.25 -5.99
N ASN B 45 -14.88 -35.18 -5.66
CA ASN B 45 -13.73 -34.85 -4.83
C ASN B 45 -12.54 -34.49 -5.73
N ARG B 46 -12.84 -33.92 -6.90
CA ARG B 46 -11.85 -33.60 -7.92
C ARG B 46 -11.63 -32.10 -8.17
N VAL B 47 -10.37 -31.73 -8.26
CA VAL B 47 -9.91 -30.39 -8.57
C VAL B 47 -8.90 -30.61 -9.68
N THR B 48 -9.19 -30.15 -10.89
CA THR B 48 -8.25 -30.42 -11.97
C THR B 48 -7.82 -29.17 -12.67
N LEU B 49 -6.51 -29.09 -12.94
CA LEU B 49 -5.92 -27.97 -13.63
C LEU B 49 -5.64 -28.28 -15.09
N TYR B 50 -5.94 -27.31 -15.96
CA TYR B 50 -5.72 -27.41 -17.40
C TYR B 50 -5.10 -26.18 -17.97
N GLU B 51 -4.19 -26.40 -18.89
CA GLU B 51 -3.51 -25.33 -19.62
C GLU B 51 -4.12 -25.27 -21.03
N CYS B 52 -4.39 -24.07 -21.53
CA CYS B 52 -4.90 -23.87 -22.88
C CYS B 52 -3.73 -23.62 -23.84
N HIS B 53 -3.74 -24.30 -24.99
CA HIS B 53 -2.69 -24.17 -25.98
C HIS B 53 -3.23 -24.00 -27.39
N SER B 54 -2.32 -23.78 -28.35
CA SER B 54 -2.61 -23.63 -29.78
C SER B 54 -3.26 -24.90 -30.35
N GLN B 55 -4.12 -24.66 -31.36
CA GLN B 55 -4.89 -25.65 -32.12
C GLN B 55 -5.86 -26.40 -31.21
N GLY B 56 -6.52 -25.63 -30.35
CA GLY B 56 -7.49 -26.14 -29.39
C GLY B 56 -7.01 -27.16 -28.37
N GLU B 57 -5.68 -27.35 -28.20
CA GLU B 57 -5.13 -28.27 -27.21
C GLU B 57 -5.37 -27.77 -25.76
N ILE B 58 -5.94 -28.66 -24.92
CA ILE B 58 -6.25 -28.50 -23.51
C ILE B 58 -5.34 -29.52 -22.82
N ARG B 59 -4.28 -29.00 -22.21
CA ARG B 59 -3.28 -29.83 -21.58
C ARG B 59 -3.61 -30.10 -20.14
N LEU B 60 -3.76 -31.41 -19.78
CA LEU B 60 -3.99 -31.82 -18.40
C LEU B 60 -2.67 -31.54 -17.66
N LEU B 61 -2.69 -30.58 -16.72
CA LEU B 61 -1.53 -30.19 -15.94
C LEU B 61 -1.44 -31.04 -14.71
N GLN B 62 -2.50 -31.10 -13.89
CA GLN B 62 -2.52 -31.85 -12.63
C GLN B 62 -3.92 -32.09 -12.13
N SER B 63 -4.13 -33.26 -11.51
CA SER B 63 -5.39 -33.66 -10.91
C SER B 63 -5.22 -33.51 -9.41
N TYR B 64 -6.32 -33.61 -8.69
CA TYR B 64 -6.32 -33.52 -7.24
C TYR B 64 -7.51 -34.33 -6.78
N VAL B 65 -7.24 -35.23 -5.84
CA VAL B 65 -8.25 -36.11 -5.27
C VAL B 65 -8.25 -35.87 -3.78
N ASP B 66 -9.41 -35.57 -3.24
CA ASP B 66 -9.56 -35.33 -1.82
C ASP B 66 -9.58 -36.67 -1.11
N ALA B 67 -8.87 -36.76 0.02
CA ALA B 67 -8.80 -37.96 0.87
C ALA B 67 -10.23 -38.49 1.17
N ASP B 68 -11.19 -37.57 1.43
CA ASP B 68 -12.61 -37.85 1.66
C ASP B 68 -13.23 -38.23 0.31
N ALA B 69 -13.76 -39.45 0.23
CA ALA B 69 -14.36 -39.98 -0.98
C ALA B 69 -15.68 -39.32 -1.34
N ASP B 70 -16.42 -38.79 -0.35
CA ASP B 70 -17.75 -38.25 -0.65
C ASP B 70 -17.88 -36.73 -0.46
N GLU B 71 -16.76 -36.01 -0.65
CA GLU B 71 -16.79 -34.56 -0.66
C GLU B 71 -17.17 -34.20 -2.10
N ASN B 72 -18.14 -33.29 -2.27
CA ASN B 72 -18.55 -32.85 -3.59
C ASN B 72 -18.32 -31.32 -3.69
N PHE B 73 -17.19 -30.93 -4.32
CA PHE B 73 -16.79 -29.54 -4.52
C PHE B 73 -17.75 -28.88 -5.51
N TYR B 74 -18.15 -27.65 -5.22
CA TYR B 74 -19.12 -26.89 -6.01
C TYR B 74 -18.49 -25.67 -6.66
N THR B 75 -17.51 -25.11 -5.95
CA THR B 75 -16.88 -23.84 -6.29
C THR B 75 -15.40 -23.92 -6.13
N CYS B 76 -14.71 -23.01 -6.80
CA CYS B 76 -13.27 -22.77 -6.70
C CYS B 76 -12.98 -21.29 -6.97
N ALA B 77 -11.88 -20.76 -6.45
CA ALA B 77 -11.52 -19.36 -6.63
C ALA B 77 -9.99 -19.22 -6.57
N TRP B 78 -9.42 -18.45 -7.52
CA TRP B 78 -7.97 -18.25 -7.59
C TRP B 78 -7.55 -17.02 -6.83
N THR B 79 -6.39 -17.10 -6.17
CA THR B 79 -5.73 -15.94 -5.57
C THR B 79 -4.22 -16.11 -5.71
N TYR B 80 -3.47 -15.22 -5.06
CA TYR B 80 -2.03 -15.26 -4.99
C TYR B 80 -1.56 -14.85 -3.59
N ASP B 81 -0.34 -15.27 -3.25
CA ASP B 81 0.32 -14.98 -1.99
C ASP B 81 0.87 -13.56 -2.16
N SER B 82 0.24 -12.58 -1.49
CA SER B 82 0.63 -11.14 -1.54
C SER B 82 2.16 -10.94 -1.38
N ASN B 83 2.81 -11.79 -0.53
CA ASN B 83 4.23 -11.80 -0.26
C ASN B 83 5.08 -12.40 -1.40
N THR B 84 4.95 -13.71 -1.67
CA THR B 84 5.76 -14.42 -2.68
C THR B 84 5.22 -14.40 -4.13
N SER B 85 4.12 -13.65 -4.41
CA SER B 85 3.48 -13.59 -5.75
C SER B 85 3.24 -15.01 -6.32
N HIS B 86 2.96 -15.96 -5.43
CA HIS B 86 2.76 -17.36 -5.73
C HIS B 86 1.28 -17.61 -5.93
N PRO B 87 0.90 -18.33 -7.01
CA PRO B 87 -0.53 -18.60 -7.24
C PRO B 87 -1.13 -19.54 -6.20
N LEU B 88 -2.43 -19.36 -5.90
CA LEU B 88 -3.20 -20.14 -4.93
C LEU B 88 -4.59 -20.42 -5.47
N LEU B 89 -5.14 -21.60 -5.11
CA LEU B 89 -6.48 -22.01 -5.48
C LEU B 89 -7.32 -22.43 -4.26
N ALA B 90 -8.52 -21.85 -4.11
CA ALA B 90 -9.45 -22.17 -3.03
C ALA B 90 -10.59 -23.00 -3.57
N VAL B 91 -10.90 -24.14 -2.92
CA VAL B 91 -12.01 -25.03 -3.32
C VAL B 91 -12.93 -25.32 -2.12
N ALA B 92 -14.23 -25.54 -2.38
CA ALA B 92 -15.25 -25.86 -1.38
C ALA B 92 -16.54 -26.44 -1.99
N GLY B 93 -17.33 -27.08 -1.15
CA GLY B 93 -18.60 -27.70 -1.51
C GLY B 93 -19.28 -28.38 -0.35
N SER B 94 -20.01 -29.48 -0.66
CA SER B 94 -20.82 -30.31 0.25
C SER B 94 -20.30 -30.37 1.73
N ARG B 95 -19.03 -30.78 1.96
CA ARG B 95 -18.46 -30.95 3.31
C ARG B 95 -18.31 -29.67 4.12
N GLY B 96 -18.27 -28.52 3.48
CA GLY B 96 -18.15 -27.22 4.16
C GLY B 96 -16.76 -26.83 4.62
N ILE B 97 -15.70 -27.44 4.04
CA ILE B 97 -14.31 -27.14 4.37
C ILE B 97 -13.70 -26.33 3.23
N ILE B 98 -13.06 -25.20 3.57
CA ILE B 98 -12.42 -24.31 2.61
C ILE B 98 -10.97 -24.76 2.48
N ARG B 99 -10.65 -25.49 1.39
CA ARG B 99 -9.29 -26.02 1.13
C ARG B 99 -8.46 -25.08 0.23
N ILE B 100 -7.30 -24.62 0.74
CA ILE B 100 -6.36 -23.76 0.01
C ILE B 100 -5.28 -24.69 -0.60
N ILE B 101 -5.21 -24.75 -1.92
CA ILE B 101 -4.33 -25.65 -2.65
C ILE B 101 -3.24 -24.91 -3.40
N ASN B 102 -2.05 -25.54 -3.47
CA ASN B 102 -0.91 -25.00 -4.20
C ASN B 102 -1.06 -25.54 -5.63
N PRO B 103 -1.39 -24.68 -6.63
CA PRO B 103 -1.60 -25.20 -8.01
C PRO B 103 -0.33 -25.71 -8.70
N ILE B 104 0.84 -25.26 -8.22
CA ILE B 104 2.15 -25.65 -8.73
C ILE B 104 2.45 -27.10 -8.30
N THR B 105 1.99 -27.53 -7.10
CA THR B 105 2.29 -28.85 -6.53
C THR B 105 1.06 -29.73 -6.33
N MET B 106 -0.13 -29.18 -6.60
CA MET B 106 -1.46 -29.78 -6.45
C MET B 106 -1.66 -30.45 -5.09
N GLN B 107 -1.05 -29.84 -4.06
CA GLN B 107 -1.12 -30.25 -2.66
C GLN B 107 -1.80 -29.16 -1.84
N CYS B 108 -2.57 -29.59 -0.83
CA CYS B 108 -3.36 -28.78 0.08
C CYS B 108 -2.45 -28.10 1.09
N ILE B 109 -2.35 -26.76 1.05
CA ILE B 109 -1.55 -25.95 1.98
C ILE B 109 -2.22 -25.94 3.37
N LYS B 110 -3.52 -25.56 3.40
CA LYS B 110 -4.33 -25.48 4.62
C LYS B 110 -5.81 -25.71 4.36
N HIS B 111 -6.61 -25.74 5.43
CA HIS B 111 -8.05 -25.90 5.37
C HIS B 111 -8.78 -25.19 6.52
N TYR B 112 -9.90 -24.53 6.18
CA TYR B 112 -10.72 -23.80 7.13
C TYR B 112 -12.05 -24.49 7.32
N VAL B 113 -12.36 -24.80 8.58
CA VAL B 113 -13.62 -25.39 9.02
C VAL B 113 -14.28 -24.29 9.89
N GLY B 114 -15.56 -24.44 10.20
CA GLY B 114 -16.29 -23.46 11.00
C GLY B 114 -17.68 -23.25 10.44
N HIS B 115 -17.76 -23.12 9.07
CA HIS B 115 -19.01 -23.02 8.31
C HIS B 115 -19.80 -24.32 8.61
N GLY B 116 -20.98 -24.15 9.24
CA GLY B 116 -21.86 -25.24 9.66
C GLY B 116 -22.36 -26.20 8.59
N ASN B 117 -22.45 -25.74 7.33
CA ASN B 117 -22.92 -26.56 6.20
C ASN B 117 -22.03 -26.38 4.92
N ALA B 118 -22.52 -26.91 3.77
CA ALA B 118 -21.89 -26.86 2.45
C ALA B 118 -21.71 -25.43 1.98
N ILE B 119 -20.62 -25.16 1.24
CA ILE B 119 -20.33 -23.84 0.67
C ILE B 119 -20.66 -23.88 -0.81
N ASN B 120 -21.51 -22.94 -1.25
CA ASN B 120 -21.98 -22.79 -2.63
C ASN B 120 -21.11 -21.85 -3.46
N GLU B 121 -20.49 -20.84 -2.81
CA GLU B 121 -19.63 -19.90 -3.53
C GLU B 121 -18.45 -19.41 -2.71
N LEU B 122 -17.33 -19.19 -3.43
CA LEU B 122 -16.06 -18.67 -2.95
C LEU B 122 -15.60 -17.52 -3.87
N LYS B 123 -15.34 -16.33 -3.30
CA LYS B 123 -14.85 -15.13 -4.01
C LYS B 123 -13.81 -14.35 -3.17
N PHE B 124 -12.67 -14.01 -3.81
CA PHE B 124 -11.57 -13.24 -3.24
C PHE B 124 -11.78 -11.75 -3.56
N HIS B 125 -11.48 -10.85 -2.59
CA HIS B 125 -11.60 -9.38 -2.69
C HIS B 125 -10.87 -8.93 -3.92
N PRO B 126 -11.45 -8.04 -4.73
CA PRO B 126 -10.75 -7.61 -5.96
C PRO B 126 -9.45 -6.85 -5.71
N ARG B 127 -9.31 -6.21 -4.51
CA ARG B 127 -8.17 -5.39 -4.08
C ARG B 127 -7.20 -6.11 -3.12
N ASP B 128 -7.70 -6.90 -2.17
CA ASP B 128 -6.87 -7.63 -1.20
C ASP B 128 -6.88 -9.12 -1.53
N PRO B 129 -5.72 -9.72 -1.88
CA PRO B 129 -5.72 -11.15 -2.23
C PRO B 129 -6.01 -12.09 -1.09
N ASN B 130 -5.77 -11.68 0.15
CA ASN B 130 -5.92 -12.58 1.29
C ASN B 130 -7.39 -12.77 1.81
N LEU B 131 -8.33 -11.86 1.40
CA LEU B 131 -9.73 -11.87 1.83
C LEU B 131 -10.59 -12.85 1.06
N LEU B 132 -11.00 -13.94 1.73
CA LEU B 132 -11.84 -14.98 1.15
C LEU B 132 -13.26 -14.93 1.69
N LEU B 133 -14.24 -14.77 0.79
CA LEU B 133 -15.66 -14.74 1.11
C LEU B 133 -16.27 -16.09 0.77
N SER B 134 -16.98 -16.68 1.76
CA SER B 134 -17.72 -17.93 1.55
C SER B 134 -19.19 -17.80 1.94
N VAL B 135 -20.07 -18.43 1.15
CA VAL B 135 -21.50 -18.49 1.35
C VAL B 135 -21.90 -19.96 1.62
N SER B 136 -22.73 -20.18 2.67
CA SER B 136 -23.13 -21.51 3.06
C SER B 136 -24.64 -21.72 3.23
N LYS B 137 -25.02 -23.03 3.28
CA LYS B 137 -26.36 -23.53 3.55
C LYS B 137 -26.75 -23.14 4.99
N ASP B 138 -25.73 -22.92 5.89
CA ASP B 138 -25.86 -22.51 7.30
C ASP B 138 -26.41 -21.06 7.52
N HIS B 139 -26.83 -20.39 6.42
CA HIS B 139 -27.49 -19.08 6.31
C HIS B 139 -26.56 -17.87 6.35
N ALA B 140 -25.26 -18.07 6.57
CA ALA B 140 -24.36 -16.91 6.63
C ALA B 140 -23.24 -16.83 5.53
N LEU B 141 -22.66 -15.63 5.45
CA LEU B 141 -21.50 -15.29 4.64
C LEU B 141 -20.33 -15.14 5.63
N ARG B 142 -19.21 -15.78 5.32
CA ARG B 142 -18.02 -15.68 6.14
C ARG B 142 -16.89 -15.02 5.34
N LEU B 143 -16.23 -14.02 5.93
CA LEU B 143 -15.06 -13.32 5.38
C LEU B 143 -13.83 -13.73 6.20
N TRP B 144 -12.83 -14.26 5.49
CA TRP B 144 -11.59 -14.82 6.01
C TRP B 144 -10.37 -14.05 5.52
N ASN B 145 -9.28 -14.14 6.29
CA ASN B 145 -7.97 -13.59 5.96
C ASN B 145 -7.12 -14.84 5.89
N ILE B 146 -6.78 -15.26 4.67
CA ILE B 146 -6.06 -16.53 4.55
C ILE B 146 -4.54 -16.39 4.84
N GLN B 147 -4.04 -15.15 4.91
CA GLN B 147 -2.66 -14.88 5.30
C GLN B 147 -2.44 -15.25 6.82
N THR B 148 -3.29 -14.71 7.73
CA THR B 148 -3.22 -14.86 9.18
C THR B 148 -4.17 -15.91 9.72
N ASP B 149 -4.87 -16.65 8.82
CA ASP B 149 -5.82 -17.71 9.17
C ASP B 149 -6.97 -17.26 10.13
N THR B 150 -7.40 -15.98 10.03
CA THR B 150 -8.50 -15.48 10.86
C THR B 150 -9.84 -15.44 10.11
N LEU B 151 -10.95 -15.50 10.90
CA LEU B 151 -12.32 -15.33 10.45
C LEU B 151 -12.67 -13.90 10.79
N VAL B 152 -12.43 -13.02 9.82
CA VAL B 152 -12.65 -11.59 9.89
C VAL B 152 -14.08 -11.28 10.37
N ALA B 153 -15.12 -11.84 9.71
CA ALA B 153 -16.51 -11.56 10.07
C ALA B 153 -17.51 -12.66 9.64
N ILE B 154 -18.73 -12.63 10.24
CA ILE B 154 -19.87 -13.46 9.90
C ILE B 154 -21.09 -12.56 9.62
N PHE B 155 -21.48 -12.46 8.33
CA PHE B 155 -22.59 -11.66 7.80
C PHE B 155 -23.88 -12.48 7.83
N GLY B 156 -24.68 -12.26 8.85
CA GLY B 156 -25.91 -12.98 9.09
C GLY B 156 -26.29 -12.94 10.55
N GLY B 157 -27.52 -13.36 10.82
CA GLY B 157 -28.05 -13.38 12.17
C GLY B 157 -29.47 -12.88 12.19
N VAL B 158 -29.68 -11.82 12.96
CA VAL B 158 -30.98 -11.22 13.17
C VAL B 158 -31.61 -10.73 11.86
N GLU B 159 -30.84 -10.20 10.93
CA GLU B 159 -31.42 -9.74 9.66
C GLU B 159 -30.70 -10.28 8.47
N GLY B 160 -29.99 -11.39 8.67
CA GLY B 160 -29.29 -12.09 7.63
C GLY B 160 -30.24 -12.96 6.84
N HIS B 161 -29.69 -13.82 5.98
CA HIS B 161 -30.49 -14.72 5.17
C HIS B 161 -31.18 -15.73 6.05
N ARG B 162 -32.48 -15.93 5.74
CA ARG B 162 -33.41 -16.82 6.42
C ARG B 162 -33.35 -18.23 5.82
N ASP B 163 -32.60 -18.40 4.70
CA ASP B 163 -32.33 -19.68 4.05
C ASP B 163 -30.89 -19.73 3.52
N GLU B 164 -30.50 -20.83 2.84
CA GLU B 164 -29.18 -21.08 2.26
C GLU B 164 -28.76 -19.92 1.36
N VAL B 165 -27.49 -19.46 1.51
CA VAL B 165 -26.93 -18.40 0.66
C VAL B 165 -26.29 -19.13 -0.51
N LEU B 166 -26.70 -18.80 -1.73
CA LEU B 166 -26.21 -19.48 -2.93
C LEU B 166 -25.08 -18.74 -3.67
N SER B 167 -25.14 -17.41 -3.72
CA SER B 167 -24.12 -16.63 -4.42
C SER B 167 -23.83 -15.32 -3.70
N ALA B 168 -22.72 -14.68 -4.08
CA ALA B 168 -22.27 -13.39 -3.59
C ALA B 168 -21.22 -12.87 -4.53
N ASP B 169 -20.95 -11.56 -4.46
CA ASP B 169 -20.00 -10.91 -5.35
C ASP B 169 -19.57 -9.59 -4.80
N TYR B 170 -18.31 -9.26 -4.98
CA TYR B 170 -17.82 -7.95 -4.57
C TYR B 170 -18.08 -6.95 -5.71
N ASP B 171 -18.17 -5.67 -5.38
CA ASP B 171 -18.27 -4.63 -6.39
C ASP B 171 -16.85 -4.55 -6.91
N LEU B 172 -16.61 -3.86 -8.03
CA LEU B 172 -15.27 -3.75 -8.62
C LEU B 172 -14.20 -3.31 -7.65
N LEU B 173 -14.45 -2.28 -6.85
CA LEU B 173 -13.44 -1.75 -5.94
C LEU B 173 -13.36 -2.41 -4.52
N GLY B 174 -14.15 -3.45 -4.26
CA GLY B 174 -14.18 -4.19 -3.00
C GLY B 174 -14.76 -3.47 -1.79
N GLU B 175 -15.55 -2.41 -2.02
CA GLU B 175 -16.20 -1.61 -0.97
C GLU B 175 -17.49 -2.27 -0.42
N LYS B 176 -18.12 -3.16 -1.21
CA LYS B 176 -19.38 -3.80 -0.83
C LYS B 176 -19.58 -5.21 -1.39
N ILE B 177 -20.44 -6.03 -0.71
CA ILE B 177 -20.79 -7.39 -1.12
C ILE B 177 -22.31 -7.45 -1.34
N MET B 178 -22.76 -8.13 -2.41
CA MET B 178 -24.18 -8.39 -2.67
C MET B 178 -24.34 -9.89 -2.65
N SER B 179 -25.13 -10.40 -1.71
CA SER B 179 -25.38 -11.84 -1.50
C SER B 179 -26.82 -12.14 -1.80
N CYS B 180 -27.12 -13.35 -2.23
CA CYS B 180 -28.47 -13.80 -2.58
C CYS B 180 -28.69 -15.27 -2.17
N GLY B 181 -29.95 -15.66 -1.95
CA GLY B 181 -30.21 -17.04 -1.58
C GLY B 181 -31.59 -17.65 -1.85
N MET B 182 -31.85 -18.73 -1.14
CA MET B 182 -33.09 -19.50 -1.19
C MET B 182 -34.23 -18.74 -0.55
N ASP B 183 -33.91 -17.77 0.29
CA ASP B 183 -34.90 -16.97 0.98
C ASP B 183 -35.46 -15.85 0.09
N HIS B 184 -35.13 -15.87 -1.23
CA HIS B 184 -35.59 -14.95 -2.29
C HIS B 184 -34.98 -13.56 -2.23
N SER B 185 -34.24 -13.27 -1.15
CA SER B 185 -33.63 -11.96 -1.01
C SER B 185 -32.21 -11.88 -1.57
N LEU B 186 -31.80 -10.63 -1.72
CA LEU B 186 -30.52 -10.16 -2.16
C LEU B 186 -30.18 -9.07 -1.13
N LYS B 187 -29.03 -9.22 -0.44
CA LYS B 187 -28.62 -8.28 0.60
C LYS B 187 -27.28 -7.64 0.32
N LEU B 188 -27.19 -6.31 0.54
CA LEU B 188 -25.96 -5.53 0.41
C LEU B 188 -25.26 -5.54 1.78
N TRP B 189 -23.95 -5.71 1.79
CA TRP B 189 -23.12 -5.72 2.99
C TRP B 189 -21.90 -4.89 2.66
N ARG B 190 -21.86 -3.67 3.21
CA ARG B 190 -20.82 -2.70 3.00
C ARG B 190 -19.57 -3.07 3.82
N ILE B 191 -18.46 -3.40 3.14
CA ILE B 191 -17.25 -3.75 3.89
C ILE B 191 -16.27 -2.55 3.96
N ASN B 192 -16.70 -1.39 3.43
CA ASN B 192 -15.96 -0.13 3.43
C ASN B 192 -16.30 0.71 4.68
N SER B 193 -17.22 0.22 5.53
CA SER B 193 -17.61 0.81 6.81
C SER B 193 -16.40 0.88 7.73
N LYS B 194 -16.41 1.86 8.65
CA LYS B 194 -15.34 2.04 9.61
C LYS B 194 -15.23 0.81 10.51
N ARG B 195 -16.36 0.17 10.81
CA ARG B 195 -16.40 -1.06 11.60
C ARG B 195 -15.71 -2.25 10.87
N MET B 196 -16.07 -2.48 9.59
CA MET B 196 -15.50 -3.57 8.79
C MET B 196 -14.04 -3.38 8.47
N MET B 197 -13.66 -2.14 8.08
CA MET B 197 -12.30 -1.84 7.71
C MET B 197 -11.38 -2.10 8.86
N ASN B 198 -11.84 -1.75 10.09
CA ASN B 198 -11.06 -1.99 11.29
C ASN B 198 -10.95 -3.45 11.59
N ALA B 199 -12.00 -4.24 11.28
CA ALA B 199 -12.05 -5.70 11.47
C ALA B 199 -10.99 -6.31 10.64
N ILE B 200 -10.88 -5.82 9.38
CA ILE B 200 -9.86 -6.25 8.42
C ILE B 200 -8.44 -5.91 8.95
N LYS B 201 -8.20 -4.63 9.34
CA LYS B 201 -6.91 -4.17 9.89
C LYS B 201 -6.48 -5.02 11.11
N GLU B 202 -7.42 -5.30 12.03
CA GLU B 202 -7.18 -6.14 13.21
C GLU B 202 -6.75 -7.54 12.84
N SER B 203 -7.39 -8.15 11.80
CA SER B 203 -7.05 -9.53 11.35
C SER B 203 -5.57 -9.65 10.87
N TYR B 204 -5.01 -8.55 10.35
CA TYR B 204 -3.61 -8.49 9.93
C TYR B 204 -2.65 -8.42 11.13
N ASP B 205 -3.05 -7.69 12.21
CA ASP B 205 -2.30 -7.56 13.46
C ASP B 205 -2.18 -8.88 14.23
N TYR B 206 -3.19 -9.81 14.08
CA TYR B 206 -3.24 -11.11 14.78
C TYR B 206 -2.11 -12.02 14.35
N PRO B 214 -6.46 -15.65 20.84
CA PRO B 214 -7.65 -16.08 20.08
C PRO B 214 -8.44 -14.88 19.55
N PHE B 215 -8.52 -14.78 18.19
CA PHE B 215 -9.12 -13.66 17.44
C PHE B 215 -10.63 -13.58 17.55
N ILE B 216 -11.13 -12.38 17.84
CA ILE B 216 -12.56 -12.14 17.97
C ILE B 216 -13.14 -11.67 16.63
N SER B 217 -13.88 -12.58 16.01
CA SER B 217 -14.58 -12.43 14.76
C SER B 217 -15.78 -11.43 14.90
N GLN B 218 -15.92 -10.46 13.98
CA GLN B 218 -17.09 -9.58 13.97
C GLN B 218 -18.29 -10.43 13.65
N LYS B 219 -19.48 -10.01 14.09
CA LYS B 219 -20.72 -10.68 13.76
C LYS B 219 -21.67 -9.61 13.27
N ILE B 220 -21.85 -9.55 11.94
CA ILE B 220 -22.70 -8.55 11.30
C ILE B 220 -24.12 -9.13 11.17
N HIS B 221 -25.08 -8.58 11.91
CA HIS B 221 -26.44 -9.10 11.91
C HIS B 221 -27.28 -8.28 11.01
N PHE B 222 -26.77 -7.12 10.56
CA PHE B 222 -27.60 -6.23 9.77
C PHE B 222 -26.99 -5.85 8.42
N PRO B 223 -27.69 -6.18 7.30
CA PRO B 223 -27.22 -5.73 5.98
C PRO B 223 -27.45 -4.21 5.83
N ASP B 224 -26.97 -3.63 4.72
CA ASP B 224 -27.12 -2.20 4.48
C ASP B 224 -28.19 -1.89 3.41
N PHE B 225 -28.90 -2.97 2.99
CA PHE B 225 -30.02 -3.06 2.04
C PHE B 225 -30.36 -4.52 1.93
N SER B 226 -31.63 -4.82 1.61
CA SER B 226 -32.21 -6.15 1.43
C SER B 226 -33.44 -6.07 0.49
N THR B 227 -33.60 -7.02 -0.44
CA THR B 227 -34.78 -7.00 -1.32
C THR B 227 -35.28 -8.38 -1.65
N ARG B 228 -36.61 -8.51 -1.82
CA ARG B 228 -37.29 -9.75 -2.20
C ARG B 228 -38.16 -9.52 -3.44
N ASP B 229 -38.35 -8.23 -3.83
CA ASP B 229 -39.17 -7.78 -4.96
C ASP B 229 -38.61 -8.11 -6.35
N ILE B 230 -37.38 -8.65 -6.44
CA ILE B 230 -36.79 -8.94 -7.74
C ILE B 230 -37.19 -10.31 -8.28
N HIS B 231 -37.16 -11.36 -7.44
CA HIS B 231 -37.46 -12.71 -7.88
C HIS B 231 -38.58 -13.35 -7.07
N ARG B 232 -39.33 -14.27 -7.71
CA ARG B 232 -40.48 -14.97 -7.14
C ARG B 232 -40.05 -16.34 -6.61
N ASN B 233 -38.77 -16.68 -6.81
CA ASN B 233 -38.18 -17.93 -6.32
C ASN B 233 -36.73 -17.71 -5.84
N TYR B 234 -35.93 -18.82 -5.59
CA TYR B 234 -34.53 -18.79 -5.14
C TYR B 234 -33.69 -17.94 -6.06
N VAL B 235 -32.70 -17.21 -5.50
CA VAL B 235 -31.72 -16.44 -6.28
C VAL B 235 -30.37 -17.19 -6.15
N ASP B 236 -29.92 -17.81 -7.26
CA ASP B 236 -28.72 -18.66 -7.24
C ASP B 236 -27.47 -18.02 -7.84
N CYS B 237 -27.59 -16.90 -8.54
CA CYS B 237 -26.42 -16.23 -9.10
C CYS B 237 -26.54 -14.71 -9.05
N VAL B 238 -25.55 -14.09 -8.42
CA VAL B 238 -25.52 -12.62 -8.31
C VAL B 238 -24.12 -12.11 -8.64
N ARG B 239 -24.04 -11.02 -9.44
CA ARG B 239 -22.80 -10.34 -9.84
C ARG B 239 -23.00 -8.85 -10.03
N TRP B 240 -22.05 -8.04 -9.61
CA TRP B 240 -22.19 -6.59 -9.79
C TRP B 240 -21.91 -6.21 -11.23
N LEU B 241 -22.63 -5.22 -11.73
CA LEU B 241 -22.44 -4.64 -13.04
C LEU B 241 -22.31 -3.13 -12.81
N GLY B 242 -21.10 -2.72 -12.46
CA GLY B 242 -20.82 -1.34 -12.10
C GLY B 242 -21.51 -1.05 -10.79
N ASP B 243 -22.53 -0.20 -10.86
CA ASP B 243 -23.34 0.16 -9.70
C ASP B 243 -24.66 -0.59 -9.71
N LEU B 244 -24.92 -1.33 -10.83
CA LEU B 244 -26.11 -2.15 -11.09
C LEU B 244 -25.90 -3.61 -10.66
N ILE B 245 -26.97 -4.35 -10.44
CA ILE B 245 -26.85 -5.76 -10.05
C ILE B 245 -27.38 -6.65 -11.19
N LEU B 246 -26.78 -7.84 -11.34
CA LEU B 246 -27.18 -8.85 -12.32
C LEU B 246 -27.53 -10.07 -11.50
N SER B 247 -28.76 -10.57 -11.63
CA SER B 247 -29.19 -11.74 -10.87
C SER B 247 -30.20 -12.60 -11.61
N LYS B 248 -30.07 -13.92 -11.43
CA LYS B 248 -30.99 -14.87 -12.00
C LYS B 248 -31.64 -15.75 -10.93
N SER B 249 -32.85 -16.27 -11.27
CA SER B 249 -33.65 -17.21 -10.48
C SER B 249 -33.97 -18.36 -11.44
N CYS B 250 -35.19 -18.95 -11.38
CA CYS B 250 -35.58 -20.02 -12.31
C CYS B 250 -36.45 -19.51 -13.50
N GLU B 251 -36.91 -18.24 -13.42
CA GLU B 251 -37.77 -17.55 -14.39
C GLU B 251 -37.12 -17.28 -15.80
N ASN B 252 -36.12 -18.10 -16.21
CA ASN B 252 -35.42 -18.06 -17.51
C ASN B 252 -34.95 -16.67 -17.98
N ALA B 253 -34.51 -15.83 -17.05
CA ALA B 253 -33.94 -14.51 -17.33
C ALA B 253 -32.93 -14.08 -16.25
N ILE B 254 -31.97 -13.23 -16.66
CA ILE B 254 -31.01 -12.58 -15.77
C ILE B 254 -31.56 -11.14 -15.72
N VAL B 255 -31.78 -10.59 -14.53
CA VAL B 255 -32.38 -9.29 -14.35
C VAL B 255 -31.34 -8.22 -14.02
N CYS B 256 -31.35 -7.09 -14.75
CA CYS B 256 -30.51 -5.96 -14.39
C CYS B 256 -31.37 -5.06 -13.57
N TRP B 257 -30.95 -4.79 -12.34
CA TRP B 257 -31.72 -3.96 -11.41
C TRP B 257 -30.85 -3.12 -10.52
N LYS B 258 -31.46 -2.22 -9.73
CA LYS B 258 -30.73 -1.37 -8.80
C LYS B 258 -31.49 -1.07 -7.53
N PRO B 259 -30.81 -1.04 -6.36
CA PRO B 259 -31.49 -0.63 -5.13
C PRO B 259 -31.93 0.84 -5.22
N GLY B 260 -33.14 1.09 -4.72
CA GLY B 260 -33.75 2.43 -4.70
C GLY B 260 -34.37 2.88 -6.00
N LYS B 261 -34.84 4.13 -6.00
CA LYS B 261 -35.44 4.74 -7.18
C LYS B 261 -34.35 5.06 -8.24
N MET B 262 -34.77 5.25 -9.51
CA MET B 262 -33.89 5.51 -10.65
C MET B 262 -32.74 6.46 -10.38
N GLU B 263 -33.02 7.53 -9.62
CA GLU B 263 -32.10 8.62 -9.26
C GLU B 263 -31.15 8.25 -8.12
N ASP B 264 -31.61 7.41 -7.18
CA ASP B 264 -30.89 6.97 -5.99
C ASP B 264 -29.55 6.25 -6.29
N ASP B 265 -28.43 6.86 -5.83
CA ASP B 265 -27.05 6.36 -5.96
C ASP B 265 -26.82 5.26 -4.92
N ILE B 266 -26.21 4.13 -5.36
CA ILE B 266 -25.87 2.95 -4.56
C ILE B 266 -25.18 3.27 -3.21
N ASP B 267 -24.31 4.29 -3.15
CA ASP B 267 -23.59 4.63 -1.92
C ASP B 267 -24.40 5.51 -0.92
N LYS B 268 -25.49 6.13 -1.39
CA LYS B 268 -26.33 7.02 -0.58
C LYS B 268 -27.58 6.34 -0.03
N ILE B 269 -27.99 5.18 -0.59
CA ILE B 269 -29.21 4.48 -0.18
C ILE B 269 -29.15 4.04 1.30
N LYS B 270 -30.25 4.23 2.02
CA LYS B 270 -30.38 3.88 3.44
C LYS B 270 -30.70 2.38 3.65
N PRO B 271 -30.31 1.79 4.79
CA PRO B 271 -30.64 0.36 5.02
C PRO B 271 -32.12 0.01 5.08
N SER B 272 -32.99 1.00 5.32
CA SER B 272 -34.45 0.86 5.43
C SER B 272 -35.15 1.02 4.06
N GLU B 273 -34.35 1.25 2.99
CA GLU B 273 -34.80 1.38 1.60
C GLU B 273 -35.81 0.29 1.20
N SER B 274 -36.95 0.76 0.66
CA SER B 274 -38.09 -0.03 0.19
C SER B 274 -38.08 -0.20 -1.32
N ASN B 275 -37.85 0.91 -2.06
CA ASN B 275 -37.84 0.92 -3.54
C ASN B 275 -36.68 0.14 -4.11
N VAL B 276 -36.89 -0.36 -5.34
CA VAL B 276 -35.94 -1.10 -6.17
C VAL B 276 -36.22 -0.63 -7.62
N THR B 277 -35.29 -0.79 -8.58
CA THR B 277 -35.54 -0.33 -9.95
C THR B 277 -35.05 -1.37 -10.97
N ILE B 278 -35.97 -2.11 -11.61
CA ILE B 278 -35.56 -3.07 -12.64
C ILE B 278 -35.27 -2.24 -13.89
N LEU B 279 -34.06 -2.39 -14.48
CA LEU B 279 -33.60 -1.60 -15.64
C LEU B 279 -33.57 -2.40 -16.92
N GLY B 280 -33.55 -3.71 -16.80
CA GLY B 280 -33.53 -4.60 -17.95
C GLY B 280 -33.57 -6.05 -17.57
N ARG B 281 -33.52 -6.93 -18.59
CA ARG B 281 -33.48 -8.38 -18.45
C ARG B 281 -33.00 -9.05 -19.72
N PHE B 282 -32.24 -10.13 -19.54
CA PHE B 282 -31.64 -10.92 -20.59
C PHE B 282 -32.36 -12.22 -20.54
N ASP B 283 -33.34 -12.37 -21.44
CA ASP B 283 -34.16 -13.57 -21.56
C ASP B 283 -33.39 -14.60 -22.34
N TYR B 284 -33.53 -15.85 -21.94
CA TYR B 284 -32.89 -17.01 -22.56
C TYR B 284 -33.87 -18.13 -22.35
N SER B 285 -33.50 -19.40 -22.67
CA SER B 285 -34.40 -20.54 -22.53
C SER B 285 -33.74 -21.85 -22.05
N GLN B 286 -34.58 -22.76 -21.50
CA GLN B 286 -34.25 -24.09 -20.99
C GLN B 286 -33.17 -24.02 -19.95
N CYS B 287 -33.33 -23.09 -19.01
CA CYS B 287 -32.44 -22.85 -17.87
C CYS B 287 -33.34 -22.36 -16.74
N ASP B 288 -34.12 -23.32 -16.23
CA ASP B 288 -35.08 -23.14 -15.15
C ASP B 288 -34.70 -23.96 -13.91
N ILE B 289 -33.66 -24.84 -14.01
CA ILE B 289 -33.22 -25.68 -12.87
C ILE B 289 -32.20 -24.88 -12.01
N TRP B 290 -31.91 -25.39 -10.81
CA TRP B 290 -31.03 -24.71 -9.86
C TRP B 290 -29.55 -25.02 -10.05
N TYR B 291 -28.71 -24.04 -9.66
CA TYR B 291 -27.24 -24.06 -9.62
C TYR B 291 -26.62 -23.98 -11.04
N MET B 292 -27.09 -22.98 -11.77
CA MET B 292 -26.66 -22.61 -13.11
C MET B 292 -26.08 -21.24 -12.90
N ARG B 293 -24.78 -21.09 -13.17
CA ARG B 293 -24.08 -19.85 -12.92
C ARG B 293 -23.68 -19.10 -14.14
N PHE B 294 -24.02 -17.80 -14.18
CA PHE B 294 -23.56 -16.96 -15.27
C PHE B 294 -22.19 -16.36 -14.93
N SER B 295 -21.50 -15.84 -15.96
CA SER B 295 -20.19 -15.25 -15.85
C SER B 295 -20.00 -14.10 -16.81
N MET B 296 -18.91 -13.32 -16.60
CA MET B 296 -18.53 -12.18 -17.44
C MET B 296 -17.05 -12.21 -17.70
N ASP B 297 -16.60 -11.60 -18.81
CA ASP B 297 -15.17 -11.46 -19.12
C ASP B 297 -14.62 -10.35 -18.20
N PHE B 298 -13.29 -10.19 -18.10
CA PHE B 298 -12.68 -9.19 -17.22
C PHE B 298 -13.26 -7.77 -17.37
N TRP B 299 -13.39 -7.27 -18.62
CA TRP B 299 -13.87 -5.92 -18.92
C TRP B 299 -15.38 -5.79 -18.82
N GLN B 300 -16.07 -6.87 -18.37
CA GLN B 300 -17.52 -6.97 -18.23
C GLN B 300 -18.21 -6.45 -19.50
N LYS B 301 -17.70 -6.84 -20.68
CA LYS B 301 -18.23 -6.43 -22.00
C LYS B 301 -19.09 -7.55 -22.57
N MET B 302 -18.92 -8.75 -21.98
CA MET B 302 -19.59 -9.98 -22.38
C MET B 302 -20.20 -10.66 -21.19
N LEU B 303 -21.34 -11.32 -21.42
CA LEU B 303 -22.09 -12.09 -20.43
C LEU B 303 -22.37 -13.45 -21.05
N ALA B 304 -22.07 -14.55 -20.33
CA ALA B 304 -22.33 -15.90 -20.82
C ALA B 304 -23.06 -16.77 -19.81
N LEU B 305 -23.95 -17.63 -20.31
CA LEU B 305 -24.70 -18.56 -19.48
C LEU B 305 -25.03 -19.80 -20.25
N GLY B 306 -24.79 -20.95 -19.65
CA GLY B 306 -25.14 -22.21 -20.29
C GLY B 306 -26.48 -22.65 -19.76
N ASN B 307 -27.16 -23.53 -20.51
CA ASN B 307 -28.45 -24.06 -20.09
C ASN B 307 -28.39 -25.55 -19.84
N GLN B 308 -29.53 -26.15 -19.41
CA GLN B 308 -29.63 -27.58 -19.07
C GLN B 308 -29.46 -28.48 -20.28
N VAL B 309 -29.30 -27.91 -21.48
CA VAL B 309 -29.29 -28.79 -22.62
C VAL B 309 -28.11 -28.52 -23.60
N GLY B 310 -27.03 -27.96 -23.05
CA GLY B 310 -25.79 -27.70 -23.78
C GLY B 310 -25.71 -26.44 -24.61
N LYS B 311 -26.76 -25.61 -24.62
CA LYS B 311 -26.62 -24.38 -25.41
C LYS B 311 -25.90 -23.33 -24.54
N LEU B 312 -25.20 -22.41 -25.18
CA LEU B 312 -24.46 -21.41 -24.43
C LEU B 312 -24.85 -20.01 -24.86
N TYR B 313 -25.60 -19.36 -24.01
CA TYR B 313 -26.06 -18.02 -24.31
C TYR B 313 -24.95 -17.03 -24.03
N VAL B 314 -24.80 -16.02 -24.89
CA VAL B 314 -23.82 -14.94 -24.76
C VAL B 314 -24.44 -13.62 -25.25
N TRP B 315 -24.27 -12.57 -24.45
CA TRP B 315 -24.77 -11.23 -24.68
C TRP B 315 -23.60 -10.25 -24.68
N ASP B 316 -23.79 -9.14 -25.40
CA ASP B 316 -22.90 -8.01 -25.51
C ASP B 316 -23.40 -6.97 -24.51
N LEU B 317 -22.73 -6.87 -23.36
CA LEU B 317 -23.09 -5.94 -22.30
C LEU B 317 -22.91 -4.47 -22.68
N GLU B 318 -22.18 -4.21 -23.79
CA GLU B 318 -21.96 -2.87 -24.29
C GLU B 318 -23.15 -2.36 -25.15
N VAL B 319 -24.17 -3.22 -25.35
CA VAL B 319 -25.39 -2.90 -26.09
C VAL B 319 -26.49 -2.64 -25.05
N GLU B 320 -26.94 -1.39 -24.96
CA GLU B 320 -27.95 -0.89 -24.04
C GLU B 320 -29.22 -1.76 -23.95
N ASP B 321 -29.80 -2.20 -25.10
CA ASP B 321 -31.01 -3.04 -25.09
C ASP B 321 -30.64 -4.53 -24.94
N PRO B 322 -31.11 -5.21 -23.86
CA PRO B 322 -30.75 -6.64 -23.67
C PRO B 322 -31.26 -7.62 -24.74
N HIS B 323 -32.30 -7.23 -25.52
CA HIS B 323 -32.80 -8.09 -26.60
C HIS B 323 -31.87 -7.98 -27.81
N LYS B 324 -31.39 -6.76 -28.10
CA LYS B 324 -30.46 -6.51 -29.20
C LYS B 324 -29.03 -7.01 -28.86
N ALA B 325 -28.68 -7.02 -27.55
CA ALA B 325 -27.38 -7.46 -27.04
C ALA B 325 -27.08 -8.94 -27.26
N LYS B 326 -28.11 -9.78 -27.52
CA LYS B 326 -27.92 -11.21 -27.74
C LYS B 326 -26.96 -11.52 -28.91
N CYS B 327 -26.15 -12.57 -28.76
CA CYS B 327 -25.18 -13.05 -29.75
C CYS B 327 -25.57 -14.48 -30.09
N THR B 328 -25.09 -14.99 -31.23
CA THR B 328 -25.39 -16.36 -31.66
C THR B 328 -25.06 -17.36 -30.58
N THR B 329 -26.08 -18.11 -30.18
CA THR B 329 -25.97 -19.14 -29.16
C THR B 329 -25.02 -20.21 -29.66
N LEU B 330 -24.11 -20.57 -28.78
CA LEU B 330 -23.07 -21.54 -29.02
C LEU B 330 -23.60 -22.91 -28.76
N THR B 331 -23.75 -23.66 -29.86
CA THR B 331 -24.25 -25.04 -29.81
C THR B 331 -23.30 -25.99 -30.51
N HIS B 332 -23.30 -27.23 -30.06
CA HIS B 332 -22.54 -28.33 -30.62
C HIS B 332 -23.45 -29.56 -30.52
N HIS B 333 -23.54 -30.35 -31.58
CA HIS B 333 -24.41 -31.53 -31.59
C HIS B 333 -24.05 -32.60 -30.52
N LYS B 334 -22.79 -32.60 -30.04
CA LYS B 334 -22.36 -33.55 -29.02
C LYS B 334 -22.40 -32.95 -27.58
N CYS B 335 -22.76 -31.66 -27.45
CA CYS B 335 -22.91 -30.95 -26.18
C CYS B 335 -24.38 -30.82 -25.84
N GLY B 336 -24.92 -31.81 -25.12
CA GLY B 336 -26.32 -31.89 -24.71
C GLY B 336 -26.57 -31.88 -23.22
N ALA B 337 -25.52 -32.16 -22.39
CA ALA B 337 -25.59 -32.14 -20.93
C ALA B 337 -25.72 -30.71 -20.40
N ALA B 338 -26.12 -30.54 -19.11
CA ALA B 338 -26.29 -29.21 -18.54
C ALA B 338 -24.93 -28.53 -18.32
N ILE B 339 -24.85 -27.24 -18.68
CA ILE B 339 -23.66 -26.40 -18.48
C ILE B 339 -23.84 -25.69 -17.16
N ARG B 340 -23.09 -26.14 -16.14
CA ARG B 340 -23.14 -25.59 -14.80
C ARG B 340 -22.50 -24.21 -14.73
N GLN B 341 -21.23 -24.10 -15.15
CA GLN B 341 -20.45 -22.87 -15.13
C GLN B 341 -19.60 -22.72 -16.40
N THR B 342 -19.31 -21.45 -16.74
CA THR B 342 -18.53 -20.97 -17.89
C THR B 342 -17.46 -20.02 -17.37
N SER B 343 -16.29 -20.01 -18.04
CA SER B 343 -15.20 -19.11 -17.69
C SER B 343 -14.56 -18.58 -18.92
N PHE B 344 -14.57 -17.25 -19.04
CA PHE B 344 -13.87 -16.47 -20.05
C PHE B 344 -12.39 -16.35 -19.59
N SER B 345 -11.40 -16.44 -20.54
CA SER B 345 -9.98 -16.24 -20.20
C SER B 345 -9.80 -14.73 -19.97
N ARG B 346 -8.75 -14.34 -19.24
CA ARG B 346 -8.61 -12.94 -18.90
C ARG B 346 -8.68 -12.02 -20.14
N ASP B 347 -8.14 -12.47 -21.30
CA ASP B 347 -8.14 -11.69 -22.54
C ASP B 347 -9.40 -11.85 -23.40
N SER B 348 -10.35 -12.71 -22.98
CA SER B 348 -11.64 -13.01 -23.66
C SER B 348 -11.46 -13.82 -24.93
N SER B 349 -10.26 -14.39 -25.13
CA SER B 349 -10.04 -15.18 -26.33
C SER B 349 -10.53 -16.63 -26.13
N ILE B 350 -10.71 -17.09 -24.86
CA ILE B 350 -11.16 -18.47 -24.56
C ILE B 350 -12.40 -18.51 -23.63
N LEU B 351 -13.42 -19.31 -24.03
CA LEU B 351 -14.62 -19.53 -23.23
C LEU B 351 -14.76 -21.03 -22.93
N ILE B 352 -14.57 -21.41 -21.67
CA ILE B 352 -14.69 -22.81 -21.23
C ILE B 352 -16.05 -23.03 -20.53
N ALA B 353 -16.65 -24.22 -20.75
CA ALA B 353 -17.91 -24.59 -20.17
C ALA B 353 -17.80 -26.02 -19.68
N VAL B 354 -18.16 -26.25 -18.40
CA VAL B 354 -18.14 -27.61 -17.83
C VAL B 354 -19.56 -28.19 -17.77
N CYS B 355 -19.68 -29.53 -17.81
CA CYS B 355 -21.01 -30.14 -17.83
C CYS B 355 -21.31 -31.17 -16.75
N ASP B 356 -22.62 -31.51 -16.62
CA ASP B 356 -23.19 -32.52 -15.73
C ASP B 356 -22.66 -33.95 -16.00
N ASP B 357 -21.95 -34.17 -17.13
CA ASP B 357 -21.36 -35.45 -17.51
C ASP B 357 -19.81 -35.44 -17.48
N ALA B 358 -19.20 -34.50 -16.74
CA ALA B 358 -17.75 -34.32 -16.62
C ALA B 358 -17.07 -33.88 -17.96
N SER B 359 -17.86 -33.34 -18.90
CA SER B 359 -17.29 -32.86 -20.15
C SER B 359 -17.00 -31.36 -20.08
N ILE B 360 -15.91 -30.96 -20.76
CA ILE B 360 -15.37 -29.60 -20.82
C ILE B 360 -15.45 -29.16 -22.27
N TRP B 361 -15.79 -27.88 -22.51
CA TRP B 361 -15.98 -27.39 -23.86
C TRP B 361 -15.21 -26.09 -24.05
N ARG B 362 -14.31 -26.08 -25.07
CA ARG B 362 -13.51 -24.90 -25.38
C ARG B 362 -14.08 -24.21 -26.60
N TRP B 363 -14.30 -22.89 -26.47
CA TRP B 363 -14.86 -21.99 -27.47
C TRP B 363 -13.93 -20.82 -27.66
N ASP B 364 -13.29 -20.73 -28.82
CA ASP B 364 -12.36 -19.65 -29.11
C ASP B 364 -13.05 -18.51 -29.84
N ARG B 365 -12.70 -17.26 -29.47
CA ARG B 365 -13.29 -16.09 -30.14
C ARG B 365 -12.79 -15.94 -31.59
N LEU B 366 -13.62 -15.32 -32.46
CA LEU B 366 -13.33 -15.14 -33.89
C LEU B 366 -13.22 -13.67 -34.26
N SER C 1 2.58 33.26 -8.60
CA SER C 1 3.99 33.45 -8.35
C SER C 1 4.73 32.14 -8.11
N MET C 2 6.06 32.20 -8.25
CA MET C 2 7.02 31.12 -8.00
C MET C 2 6.77 30.55 -6.58
N PHE C 3 6.91 31.44 -5.57
CA PHE C 3 6.67 31.22 -4.16
C PHE C 3 5.30 30.58 -3.88
N SER C 4 4.20 31.22 -4.33
CA SER C 4 2.84 30.70 -4.11
C SER C 4 2.68 29.25 -4.59
N SER C 5 3.18 28.97 -5.83
CA SER C 5 3.10 27.65 -6.43
C SER C 5 3.89 26.62 -5.62
N ASN C 6 5.05 27.02 -5.07
CA ASN C 6 5.86 26.12 -4.27
C ASN C 6 5.27 25.85 -2.89
N ARG C 7 4.63 26.87 -2.28
CA ARG C 7 4.02 26.74 -0.96
C ARG C 7 2.84 25.79 -1.00
N GLN C 8 2.13 25.73 -2.16
CA GLN C 8 0.98 24.85 -2.38
C GLN C 8 1.42 23.40 -2.46
N LYS C 9 2.55 23.15 -3.16
CA LYS C 9 3.18 21.84 -3.31
C LYS C 9 3.52 21.34 -1.90
N ILE C 10 4.08 22.24 -1.03
CA ILE C 10 4.40 21.95 0.36
C ILE C 10 3.14 21.53 1.11
N LEU C 11 2.04 22.30 1.02
CA LEU C 11 0.71 22.02 1.61
C LEU C 11 0.16 20.64 1.18
N GLU C 12 -0.11 20.46 -0.14
CA GLU C 12 -0.66 19.21 -0.69
C GLU C 12 0.13 18.01 -0.13
N ARG C 13 1.48 18.02 -0.31
CA ARG C 13 2.42 16.99 0.11
C ARG C 13 2.47 16.73 1.60
N THR C 14 2.65 17.81 2.43
CA THR C 14 2.69 17.66 3.90
C THR C 14 1.34 17.10 4.39
N GLU C 15 0.21 17.46 3.71
CA GLU C 15 -1.09 16.91 4.08
C GLU C 15 -1.10 15.40 3.86
N ILE C 16 -0.53 14.94 2.74
CA ILE C 16 -0.42 13.50 2.43
C ILE C 16 0.33 12.78 3.56
N LEU C 17 1.40 13.42 4.06
CA LEU C 17 2.21 12.87 5.14
C LEU C 17 1.45 12.89 6.47
N ASN C 18 0.67 13.98 6.71
CA ASN C 18 -0.12 14.19 7.93
C ASN C 18 -1.28 13.19 8.00
N GLN C 19 -1.98 13.02 6.87
CA GLN C 19 -3.06 12.04 6.75
C GLN C 19 -2.54 10.61 6.93
N GLU C 20 -1.28 10.37 6.58
CA GLU C 20 -0.67 9.06 6.79
C GLU C 20 -0.40 8.90 8.26
N TRP C 21 0.04 9.98 8.93
CA TRP C 21 0.34 9.99 10.39
C TRP C 21 -0.91 9.77 11.23
N LYS C 22 -2.03 10.49 10.88
CA LYS C 22 -3.32 10.42 11.57
C LYS C 22 -3.87 9.01 11.56
N GLN C 23 -3.74 8.31 10.41
CA GLN C 23 -4.21 6.93 10.22
C GLN C 23 -3.29 5.89 10.92
N ARG C 24 -2.43 6.33 11.86
CA ARG C 24 -1.44 5.50 12.55
C ARG C 24 -1.36 5.77 14.09
N ARG C 25 -1.21 4.67 14.91
CA ARG C 25 -1.04 4.69 16.40
C ARG C 25 0.39 4.30 16.84
N ILE C 26 1.21 5.28 17.22
CA ILE C 26 2.57 4.93 17.62
C ILE C 26 2.71 4.98 19.15
N GLN C 27 3.13 3.84 19.74
CA GLN C 27 3.34 3.63 21.18
C GLN C 27 4.18 4.75 21.81
N PRO C 28 3.79 5.28 23.01
CA PRO C 28 4.62 6.30 23.67
C PRO C 28 5.92 5.67 24.23
N VAL C 29 6.98 6.47 24.43
CA VAL C 29 8.28 5.96 24.89
C VAL C 29 8.46 6.07 26.43
N SER D 1 -27.16 8.72 -20.83
CA SER D 1 -28.02 7.66 -20.29
C SER D 1 -27.50 7.14 -18.93
N MET D 2 -28.34 6.33 -18.25
CA MET D 2 -28.00 5.61 -17.02
C MET D 2 -26.88 4.60 -17.40
N PHE D 3 -27.05 3.94 -18.57
CA PHE D 3 -26.15 2.98 -19.18
C PHE D 3 -24.76 3.56 -19.45
N SER D 4 -24.68 4.63 -20.26
CA SER D 4 -23.42 5.29 -20.65
C SER D 4 -22.54 5.72 -19.46
N SER D 5 -23.17 6.14 -18.32
CA SER D 5 -22.48 6.56 -17.10
C SER D 5 -22.08 5.36 -16.24
N ASN D 6 -22.92 4.30 -16.21
CA ASN D 6 -22.65 3.07 -15.48
C ASN D 6 -21.54 2.29 -16.19
N ARG D 7 -21.43 2.45 -17.51
CA ARG D 7 -20.38 1.81 -18.28
C ARG D 7 -19.02 2.44 -18.00
N GLN D 8 -19.00 3.76 -17.73
CA GLN D 8 -17.79 4.54 -17.48
C GLN D 8 -17.21 4.17 -16.13
N LYS D 9 -18.08 3.83 -15.14
CA LYS D 9 -17.66 3.36 -13.82
C LYS D 9 -17.00 1.99 -14.01
N ILE D 10 -17.61 1.10 -14.85
CA ILE D 10 -17.09 -0.22 -15.21
C ILE D 10 -15.69 -0.05 -15.79
N LEU D 11 -15.53 0.87 -16.76
CA LEU D 11 -14.27 1.21 -17.42
C LEU D 11 -13.24 1.75 -16.44
N GLU D 12 -13.61 2.78 -15.67
CA GLU D 12 -12.73 3.43 -14.72
C GLU D 12 -12.17 2.47 -13.67
N ARG D 13 -13.06 1.67 -13.05
CA ARG D 13 -12.72 0.77 -11.97
C ARG D 13 -12.01 -0.54 -12.41
N THR D 14 -12.40 -1.16 -13.59
CA THR D 14 -11.69 -2.33 -14.12
C THR D 14 -10.24 -1.93 -14.46
N GLU D 15 -10.05 -0.66 -14.92
CA GLU D 15 -8.76 -0.06 -15.25
C GLU D 15 -7.87 -0.03 -14.00
N ILE D 16 -8.41 0.40 -12.84
CA ILE D 16 -7.68 0.38 -11.55
C ILE D 16 -7.23 -1.07 -11.27
N LEU D 17 -8.13 -2.04 -11.49
CA LEU D 17 -7.82 -3.44 -11.26
C LEU D 17 -6.76 -3.95 -12.23
N ASN D 18 -6.84 -3.48 -13.49
CA ASN D 18 -5.94 -3.87 -14.59
C ASN D 18 -4.55 -3.24 -14.47
N GLN D 19 -4.45 -2.02 -13.90
CA GLN D 19 -3.16 -1.39 -13.68
C GLN D 19 -2.45 -2.09 -12.55
N GLU D 20 -3.21 -2.49 -11.53
CA GLU D 20 -2.72 -3.25 -10.39
C GLU D 20 -2.27 -4.66 -10.84
N TRP D 21 -2.89 -5.19 -11.91
CA TRP D 21 -2.51 -6.49 -12.47
C TRP D 21 -1.22 -6.38 -13.29
N LYS D 22 -1.08 -5.29 -14.10
CA LYS D 22 0.10 -4.99 -14.93
C LYS D 22 1.34 -4.81 -14.03
N GLN D 23 1.18 -4.13 -12.88
CA GLN D 23 2.29 -3.90 -11.94
C GLN D 23 2.47 -5.07 -10.93
N ARG D 24 2.34 -6.30 -11.44
CA ARG D 24 2.42 -7.53 -10.67
C ARG D 24 2.98 -8.67 -11.55
N ARG D 25 3.83 -9.54 -10.96
CA ARG D 25 4.42 -10.68 -11.68
C ARG D 25 4.19 -11.96 -10.91
N ILE D 26 3.02 -12.60 -11.15
CA ILE D 26 2.58 -13.85 -10.48
C ILE D 26 3.21 -15.05 -11.18
N GLN D 27 3.90 -15.91 -10.39
CA GLN D 27 4.58 -17.14 -10.82
C GLN D 27 3.67 -18.07 -11.63
N PRO D 28 4.17 -18.69 -12.73
CA PRO D 28 3.31 -19.60 -13.51
C PRO D 28 3.02 -20.95 -12.82
N VAL D 29 2.36 -21.89 -13.56
CA VAL D 29 2.01 -23.23 -13.08
C VAL D 29 2.68 -24.31 -13.98
C2 LQH E . 31.98 17.10 14.68
C3 LQH E . 31.75 15.78 12.78
C11 LQH E . 32.85 19.15 15.87
C12 LQH E . 29.70 16.70 13.79
C13 LQH E . 29.42 15.46 11.70
C14 LQH E . 34.46 17.61 17.61
C16 LQH E . 33.63 19.78 16.86
C17 LQH E . 28.31 16.92 13.84
C18 LQH E . 28.02 15.69 11.74
C19 LQH E . 34.44 19.00 17.71
C20 LQH E . 27.48 16.41 12.81
N1 LQH E . 32.49 16.41 13.67
C4 LQH E . 33.89 16.22 13.35
C5 LQH E . 32.86 17.74 15.76
C6 LQH E . 30.65 17.26 14.81
C7 LQH E . 30.25 15.98 12.72
N8 LQH E . 32.36 15.00 11.99
C9 LQH E . 33.77 15.06 12.31
C10 LQH E . 33.66 16.97 16.64
F15 LQH E . 33.68 15.64 16.57
C2 LQH F . -25.40 -28.97 -6.49
C3 LQH F . -25.42 -27.29 -4.89
C11 LQH F . -26.78 -30.21 -8.18
C12 LQH F . -24.08 -26.89 -6.93
C13 LQH F . -24.02 -25.13 -5.23
C14 LQH F . -25.97 -32.74 -7.21
C16 LQH F . -27.24 -31.38 -8.79
C17 LQH F . -23.22 -26.14 -7.75
C18 LQH F . -23.16 -24.37 -6.07
C19 LQH F . -26.83 -32.63 -8.31
C20 LQH F . -22.77 -24.88 -7.30
N1 LQH F . -25.68 -28.51 -5.28
C4 LQH F . -26.38 -29.21 -4.22
C5 LQH F . -25.91 -30.29 -7.06
C6 LQH F . -24.63 -28.23 -7.34
C7 LQH F . -24.47 -26.39 -5.67
N8 LQH F . -26.04 -26.87 -3.87
C9 LQH F . -26.87 -27.98 -3.41
C10 LQH F . -25.50 -31.57 -6.58
F15 LQH F . -24.68 -31.69 -5.54
#